data_8FA5
#
_entry.id   8FA5
#
_cell.length_a   80.865
_cell.length_b   84.768
_cell.length_c   99.811
_cell.angle_alpha   90.00
_cell.angle_beta   96.61
_cell.angle_gamma   90.00
#
_symmetry.space_group_name_H-M   'P 1 21 1'
#
loop_
_entity.id
_entity.type
_entity.pdbx_description
1 polymer Beta-galactosidase
2 non-polymer 1,2-ETHANEDIOL
3 water water
#
_entity_poly.entity_id   1
_entity_poly.type   'polypeptide(L)'
_entity_poly.pdbx_seq_one_letter_code
;MASDDQWPTFATQGTQFVRDGKPYQVLSGAIHFQRIPRTYWKDRLQKARALGLNTVETYVFWNLVEPQQGQFDFNANNDV
AAFVREAAAQGLNVILRPGPYACAEWEAGGYPAWLFGKDNIRIRSRDPRFLAASQSYLDAVAQQVRPLLNHNGGPIIAVQ
VENEYGSYDDDHAYMADNRAMFVKAGFDKALLFTSDGADMLANGTLPGTLAVVNFAPGEAKSAFDKLIKFQPDQPRMVGE
YWAGWFDHWGTPHASTNAKQQTEELEWILRQGHSANLYMFIGGTSFGFMNGANFQGNPSDHYAPQTTSYDYDAILDEAGR
PTPKFALMRDVITRVTGVQPPALPAPIAMAALKDAPLRESASLWDNLPAPIAIDTPQPMEHFGQDYGYILYRTTVTGPRK
ESLYLGEVRDVARVYVDQKPVGSVERRLQQVATEVDIPAGQHTLDVLVENSGRINYGPRMADGRAGLVDPVLLDNQQLTN
WQAFPLPMRSPDSIRGWTRNTVEGPAFHRGNLRIGTPADTYLDMRAFGKGIAWANGVNLGRHWNIGPQRALYFPAPFQRK
GDNTVVVFDLDSTAKPSVRGLQQQVWITPKE
;
_entity_poly.pdbx_strand_id   B,A
#
# COMPACT_ATOMS: atom_id res chain seq x y z
N GLN A 6 23.18 -43.38 2.86
CA GLN A 6 22.08 -42.72 3.42
C GLN A 6 22.50 -41.63 4.40
N TRP A 7 21.93 -40.45 4.26
CA TRP A 7 22.21 -39.36 5.16
C TRP A 7 21.45 -39.63 6.44
N PRO A 8 21.97 -39.18 7.57
CA PRO A 8 21.28 -39.39 8.84
C PRO A 8 19.89 -38.77 8.81
N THR A 9 18.94 -39.41 9.50
CA THR A 9 17.56 -38.90 9.55
C THR A 9 17.51 -37.62 10.39
N PHE A 10 16.59 -36.72 10.06
CA PHE A 10 16.48 -35.45 10.77
C PHE A 10 15.02 -35.22 11.15
N ALA A 11 14.76 -34.99 12.43
CA ALA A 11 13.39 -34.80 12.91
C ALA A 11 13.35 -33.88 14.14
N THR A 12 12.17 -33.70 14.71
CA THR A 12 12.04 -33.01 15.99
C THR A 12 11.66 -33.99 17.07
N GLN A 13 11.99 -33.65 18.31
CA GLN A 13 11.63 -34.46 19.46
C GLN A 13 11.47 -33.49 20.60
N GLY A 14 10.23 -33.11 20.93
CA GLY A 14 10.01 -32.12 21.97
C GLY A 14 10.65 -30.78 21.63
N THR A 15 11.46 -30.24 22.56
CA THR A 15 12.09 -28.92 22.34
C THR A 15 13.48 -28.98 21.68
N GLN A 16 13.82 -30.13 21.10
CA GLN A 16 15.09 -30.28 20.38
CA GLN A 16 15.07 -30.27 20.35
C GLN A 16 14.89 -30.86 18.96
N PHE A 17 15.89 -30.65 18.11
CA PHE A 17 16.00 -31.41 16.86
C PHE A 17 16.78 -32.69 17.15
N VAL A 18 16.56 -33.74 16.36
CA VAL A 18 17.34 -34.94 16.50
C VAL A 18 17.86 -35.35 15.13
N ARG A 19 19.08 -35.89 15.11
CA ARG A 19 19.70 -36.37 13.87
C ARG A 19 20.18 -37.77 14.20
N ASP A 20 19.73 -38.73 13.40
CA ASP A 20 19.79 -40.17 13.69
CA ASP A 20 19.93 -40.13 13.73
C ASP A 20 19.41 -40.44 15.14
N GLY A 21 18.34 -39.77 15.55
CA GLY A 21 17.68 -40.03 16.82
C GLY A 21 18.39 -39.41 18.02
N LYS A 22 19.43 -38.65 17.75
CA LYS A 22 20.28 -38.08 18.80
C LYS A 22 20.14 -36.55 18.81
N PRO A 23 20.16 -35.93 20.01
CA PRO A 23 20.09 -34.46 20.06
C PRO A 23 21.05 -33.75 19.10
N TYR A 24 20.56 -32.73 18.39
CA TYR A 24 21.33 -32.06 17.37
C TYR A 24 21.01 -30.57 17.31
N GLN A 25 22.05 -29.74 17.34
CA GLN A 25 21.91 -28.30 17.25
C GLN A 25 22.28 -27.88 15.82
N VAL A 26 21.34 -27.29 15.08
CA VAL A 26 21.62 -26.87 13.71
C VAL A 26 22.39 -25.56 13.74
N LEU A 27 23.54 -25.60 13.06
CA LEU A 27 24.48 -24.50 12.96
C LEU A 27 24.62 -24.19 11.50
N SER A 28 23.81 -23.23 11.02
CA SER A 28 23.64 -23.00 9.58
C SER A 28 24.11 -21.59 9.12
N GLY A 29 24.51 -21.51 7.85
CA GLY A 29 24.82 -20.22 7.25
C GLY A 29 24.16 -20.16 5.87
N ALA A 30 23.68 -18.97 5.52
CA ALA A 30 23.04 -18.72 4.22
C ALA A 30 24.07 -18.47 3.14
N ILE A 31 23.96 -19.28 2.08
CA ILE A 31 24.75 -19.11 0.87
C ILE A 31 23.79 -19.26 -0.31
N HIS A 32 23.57 -18.19 -1.08
CA HIS A 32 22.60 -18.29 -2.18
C HIS A 32 23.35 -18.81 -3.39
N PHE A 33 23.06 -20.04 -3.81
CA PHE A 33 23.90 -20.64 -4.85
C PHE A 33 23.82 -19.88 -6.19
N GLN A 34 22.74 -19.10 -6.42
CA GLN A 34 22.68 -18.30 -7.67
C GLN A 34 23.41 -16.95 -7.58
N ARG A 35 23.98 -16.67 -6.40
CA ARG A 35 24.76 -15.45 -6.15
C ARG A 35 26.26 -15.73 -6.07
N ILE A 36 26.63 -17.01 -6.18
CA ILE A 36 28.06 -17.43 -6.07
C ILE A 36 28.43 -18.14 -7.36
N PRO A 37 29.54 -17.76 -8.02
CA PRO A 37 29.97 -18.51 -9.23
C PRO A 37 29.99 -20.02 -8.93
N ARG A 38 29.41 -20.85 -9.78
CA ARG A 38 29.39 -22.29 -9.54
C ARG A 38 30.77 -22.89 -9.24
N THR A 39 31.80 -22.41 -9.97
CA THR A 39 33.17 -22.90 -9.78
C THR A 39 33.61 -22.74 -8.30
N TYR A 40 33.02 -21.74 -7.62
CA TYR A 40 33.37 -21.35 -6.27
C TYR A 40 32.39 -21.89 -5.22
N TRP A 41 31.38 -22.67 -5.63
CA TRP A 41 30.50 -23.27 -4.61
C TRP A 41 31.30 -24.07 -3.58
N LYS A 42 32.18 -24.95 -4.04
CA LYS A 42 32.97 -25.74 -3.12
C LYS A 42 33.78 -24.89 -2.12
N ASP A 43 34.45 -23.86 -2.62
CA ASP A 43 35.18 -22.94 -1.74
C ASP A 43 34.31 -22.32 -0.64
N ARG A 44 33.13 -21.81 -1.00
CA ARG A 44 32.31 -21.16 0.01
C ARG A 44 31.80 -22.20 1.02
N LEU A 45 31.49 -23.40 0.55
CA LEU A 45 31.01 -24.48 1.44
C LEU A 45 32.14 -24.95 2.39
N GLN A 46 33.37 -25.07 1.88
CA GLN A 46 34.50 -25.39 2.76
C GLN A 46 34.76 -24.28 3.80
N LYS A 47 34.52 -23.02 3.45
CA LYS A 47 34.65 -21.94 4.43
C LYS A 47 33.53 -22.02 5.49
N ALA A 48 32.31 -22.40 5.10
CA ALA A 48 31.27 -22.62 6.09
C ALA A 48 31.67 -23.71 7.10
N ARG A 49 32.21 -24.83 6.61
CA ARG A 49 32.72 -25.86 7.52
C ARG A 49 33.84 -25.28 8.41
N ALA A 50 34.68 -24.40 7.86
CA ALA A 50 35.81 -23.88 8.63
C ALA A 50 35.34 -22.98 9.78
N LEU A 51 34.16 -22.39 9.64
CA LEU A 51 33.56 -21.60 10.71
C LEU A 51 33.08 -22.48 11.87
N GLY A 52 32.84 -23.76 11.58
CA GLY A 52 32.24 -24.68 12.57
C GLY A 52 30.76 -25.01 12.23
N LEU A 53 30.27 -24.51 11.10
CA LEU A 53 28.85 -24.75 10.73
C LEU A 53 28.62 -26.21 10.33
N ASN A 54 27.40 -26.73 10.53
CA ASN A 54 27.12 -28.09 10.10
C ASN A 54 26.05 -28.15 8.99
N THR A 55 25.53 -26.98 8.60
CA THR A 55 24.40 -26.85 7.67
C THR A 55 24.59 -25.65 6.78
N VAL A 56 24.16 -25.72 5.53
CA VAL A 56 24.08 -24.51 4.69
C VAL A 56 22.60 -24.34 4.32
N GLU A 57 22.16 -23.10 4.13
CA GLU A 57 20.78 -22.79 3.75
C GLU A 57 20.81 -21.98 2.44
N THR A 58 19.91 -22.29 1.50
CA THR A 58 19.82 -21.46 0.29
C THR A 58 18.38 -21.31 -0.21
N TYR A 59 18.08 -20.13 -0.76
CA TYR A 59 16.88 -19.95 -1.59
C TYR A 59 17.08 -20.56 -2.96
N VAL A 60 15.98 -20.84 -3.64
CA VAL A 60 15.95 -20.97 -5.12
C VAL A 60 15.17 -19.78 -5.67
N PHE A 61 15.75 -19.05 -6.66
CA PHE A 61 15.08 -17.92 -7.28
C PHE A 61 14.31 -18.36 -8.53
N TRP A 62 13.01 -18.31 -8.41
CA TRP A 62 12.10 -18.76 -9.49
C TRP A 62 12.38 -18.03 -10.80
N ASN A 63 12.60 -16.71 -10.73
CA ASN A 63 12.73 -15.94 -11.97
C ASN A 63 13.98 -16.33 -12.77
N LEU A 64 15.02 -16.86 -12.13
CA LEU A 64 16.12 -17.44 -12.88
C LEU A 64 15.87 -18.86 -13.46
N VAL A 65 15.10 -19.70 -12.78
CA VAL A 65 14.92 -21.08 -13.27
C VAL A 65 13.69 -21.24 -14.16
N GLU A 66 12.80 -20.25 -14.26
CA GLU A 66 11.73 -20.30 -15.27
C GLU A 66 11.66 -18.92 -15.94
N PRO A 67 12.72 -18.55 -16.68
CA PRO A 67 12.88 -17.22 -17.27
C PRO A 67 11.79 -16.92 -18.31
N GLN A 68 11.27 -17.96 -18.97
CA GLN A 68 10.08 -17.80 -19.81
C GLN A 68 9.10 -18.83 -19.31
N GLN A 69 7.81 -18.49 -19.26
CA GLN A 69 6.84 -19.44 -18.71
C GLN A 69 6.91 -20.77 -19.46
N GLY A 70 6.94 -21.87 -18.71
CA GLY A 70 7.02 -23.20 -19.27
C GLY A 70 8.41 -23.64 -19.73
N GLN A 71 9.40 -22.75 -19.64
CA GLN A 71 10.76 -23.08 -20.09
C GLN A 71 11.72 -23.05 -18.89
N PHE A 72 11.88 -24.20 -18.25
CA PHE A 72 12.74 -24.28 -17.07
C PHE A 72 14.21 -24.41 -17.41
N ASP A 73 15.04 -23.90 -16.49
CA ASP A 73 16.47 -24.03 -16.64
C ASP A 73 17.14 -24.35 -15.31
N PHE A 74 17.67 -25.56 -15.17
CA PHE A 74 18.45 -25.89 -13.96
C PHE A 74 19.89 -26.28 -14.34
N ASN A 75 20.40 -25.66 -15.41
CA ASN A 75 21.80 -25.85 -15.87
C ASN A 75 22.75 -24.87 -15.22
N ALA A 76 24.03 -25.20 -15.19
CA ALA A 76 25.06 -24.25 -14.82
C ALA A 76 24.83 -23.65 -13.42
N ASN A 77 24.72 -22.34 -13.33
CA ASN A 77 24.63 -21.69 -12.05
C ASN A 77 23.26 -21.81 -11.40
N ASN A 78 22.34 -22.39 -12.15
CA ASN A 78 20.99 -22.69 -11.70
C ASN A 78 20.82 -24.14 -11.20
N ASP A 79 21.89 -24.90 -11.17
CA ASP A 79 21.85 -26.34 -10.96
C ASP A 79 21.73 -26.62 -9.45
N VAL A 80 20.53 -26.45 -8.93
CA VAL A 80 20.34 -26.62 -7.47
C VAL A 80 20.75 -28.04 -6.96
N ALA A 81 20.49 -29.09 -7.73
CA ALA A 81 20.88 -30.43 -7.31
C ALA A 81 22.41 -30.58 -7.19
N ALA A 82 23.15 -29.99 -8.14
CA ALA A 82 24.61 -30.05 -8.06
C ALA A 82 25.11 -29.24 -6.83
N PHE A 83 24.49 -28.09 -6.53
CA PHE A 83 24.90 -27.36 -5.31
C PHE A 83 24.65 -28.23 -4.07
N VAL A 84 23.48 -28.83 -4.00
CA VAL A 84 23.17 -29.64 -2.82
C VAL A 84 24.12 -30.83 -2.67
N ARG A 85 24.49 -31.48 -3.79
CA ARG A 85 25.44 -32.59 -3.77
CA ARG A 85 25.44 -32.59 -3.74
C ARG A 85 26.83 -32.13 -3.32
N GLU A 86 27.22 -30.92 -3.74
CA GLU A 86 28.51 -30.39 -3.28
C GLU A 86 28.47 -30.13 -1.77
N ALA A 87 27.38 -29.55 -1.27
CA ALA A 87 27.26 -29.37 0.19
C ALA A 87 27.39 -30.71 0.96
N ALA A 88 26.67 -31.75 0.51
CA ALA A 88 26.77 -33.07 1.11
C ALA A 88 28.20 -33.59 1.07
N ALA A 89 28.86 -33.35 -0.07
CA ALA A 89 30.24 -33.79 -0.21
C ALA A 89 31.16 -33.08 0.80
N GLN A 90 30.77 -31.87 1.26
CA GLN A 90 31.56 -31.14 2.25
C GLN A 90 31.02 -31.42 3.66
N GLY A 91 30.13 -32.40 3.79
CA GLY A 91 29.70 -32.81 5.11
C GLY A 91 28.67 -31.89 5.75
N LEU A 92 27.91 -31.18 4.92
CA LEU A 92 26.89 -30.22 5.39
C LEU A 92 25.45 -30.70 5.13
N ASN A 93 24.56 -30.60 6.13
CA ASN A 93 23.12 -30.69 5.86
C ASN A 93 22.70 -29.49 4.98
N VAL A 94 21.54 -29.59 4.34
CA VAL A 94 21.02 -28.48 3.52
C VAL A 94 19.59 -28.10 3.94
N ILE A 95 19.36 -26.80 4.11
CA ILE A 95 18.03 -26.25 4.32
C ILE A 95 17.68 -25.57 3.02
N LEU A 96 16.59 -26.01 2.38
CA LEU A 96 16.17 -25.47 1.09
C LEU A 96 14.94 -24.58 1.21
N ARG A 97 14.98 -23.40 0.58
CA ARG A 97 13.87 -22.46 0.68
C ARG A 97 13.45 -22.02 -0.73
N PRO A 98 12.56 -22.79 -1.35
CA PRO A 98 12.24 -22.52 -2.77
C PRO A 98 11.27 -21.35 -2.98
N GLY A 99 10.74 -20.81 -1.91
CA GLY A 99 9.80 -19.70 -2.03
C GLY A 99 8.36 -20.20 -2.04
N PRO A 100 7.63 -19.98 -3.16
CA PRO A 100 8.05 -19.29 -4.40
C PRO A 100 8.50 -17.86 -4.19
N TYR A 101 7.93 -17.14 -3.22
CA TYR A 101 8.46 -15.86 -2.80
C TYR A 101 9.69 -16.05 -1.92
N ALA A 102 10.82 -15.50 -2.36
CA ALA A 102 12.06 -15.56 -1.60
C ALA A 102 12.41 -14.28 -0.84
N CYS A 103 11.92 -13.13 -1.31
CA CYS A 103 12.32 -11.80 -0.80
C CYS A 103 13.76 -11.53 -1.20
N ALA A 104 14.70 -11.71 -0.25
CA ALA A 104 16.12 -11.88 -0.52
C ALA A 104 16.83 -10.71 -1.19
N GLU A 105 16.25 -9.51 -1.12
CA GLU A 105 16.82 -8.34 -1.81
C GLU A 105 17.13 -8.68 -3.28
N TRP A 106 16.14 -9.32 -3.91
CA TRP A 106 16.32 -9.89 -5.23
C TRP A 106 15.12 -9.47 -6.09
N GLU A 107 15.34 -9.29 -7.40
CA GLU A 107 14.33 -8.78 -8.32
C GLU A 107 12.93 -9.40 -8.08
N ALA A 108 11.96 -8.55 -7.74
CA ALA A 108 10.59 -8.96 -7.53
C ALA A 108 10.43 -10.02 -6.47
N GLY A 109 11.35 -10.08 -5.52
CA GLY A 109 11.32 -11.11 -4.50
C GLY A 109 11.49 -12.52 -5.08
N GLY A 110 11.96 -12.61 -6.32
CA GLY A 110 12.12 -13.91 -6.94
C GLY A 110 11.03 -14.25 -7.99
N TYR A 111 9.93 -13.50 -8.00
CA TYR A 111 8.84 -13.77 -8.95
C TYR A 111 9.24 -13.43 -10.38
N PRO A 112 8.96 -14.35 -11.33
CA PRO A 112 9.17 -14.06 -12.77
C PRO A 112 8.46 -12.80 -13.23
N ALA A 113 9.14 -12.03 -14.07
CA ALA A 113 8.60 -10.80 -14.63
C ALA A 113 7.33 -11.05 -15.39
N TRP A 114 7.24 -12.22 -16.01
CA TRP A 114 6.07 -12.48 -16.85
C TRP A 114 4.78 -12.65 -16.04
N LEU A 115 4.86 -12.76 -14.71
CA LEU A 115 3.63 -12.78 -13.91
C LEU A 115 2.97 -11.41 -13.83
N PHE A 116 3.70 -10.36 -14.22
CA PHE A 116 3.19 -8.99 -14.15
C PHE A 116 2.66 -8.49 -15.51
N GLY A 117 2.51 -9.41 -16.46
CA GLY A 117 1.98 -9.11 -17.78
C GLY A 117 0.49 -8.84 -17.90
N LYS A 118 0.02 -8.92 -19.14
CA LYS A 118 -1.34 -8.50 -19.49
C LYS A 118 -2.50 -9.34 -18.91
N ASP A 119 -2.23 -10.53 -18.39
CA ASP A 119 -3.31 -11.32 -17.79
C ASP A 119 -3.79 -10.74 -16.44
N ASN A 120 -3.07 -9.74 -15.91
CA ASN A 120 -3.47 -9.10 -14.66
C ASN A 120 -3.58 -10.10 -13.52
N ILE A 121 -2.55 -10.93 -13.39
CA ILE A 121 -2.44 -11.88 -12.29
C ILE A 121 -2.04 -11.13 -11.01
N ARG A 122 -2.75 -11.42 -9.92
CA ARG A 122 -2.35 -10.90 -8.60
C ARG A 122 -1.38 -11.87 -7.97
N ILE A 123 -0.11 -11.47 -7.85
CA ILE A 123 0.85 -12.38 -7.28
C ILE A 123 0.63 -12.52 -5.78
N ARG A 124 1.23 -13.57 -5.24
CA ARG A 124 1.20 -13.81 -3.79
C ARG A 124 -0.24 -13.79 -3.22
N SER A 125 -1.15 -14.46 -3.90
CA SER A 125 -2.55 -14.46 -3.52
C SER A 125 -3.20 -15.76 -3.99
N ARG A 126 -4.50 -15.91 -3.83
CA ARG A 126 -5.19 -17.12 -4.26
C ARG A 126 -5.78 -16.97 -5.67
N ASP A 127 -5.29 -15.98 -6.42
CA ASP A 127 -5.56 -15.93 -7.86
C ASP A 127 -5.23 -17.31 -8.45
N PRO A 128 -6.22 -18.00 -9.10
CA PRO A 128 -5.94 -19.38 -9.55
C PRO A 128 -4.79 -19.46 -10.53
N ARG A 129 -4.55 -18.39 -11.28
CA ARG A 129 -3.42 -18.38 -12.21
C ARG A 129 -2.11 -18.38 -11.43
N PHE A 130 -2.10 -17.67 -10.29
CA PHE A 130 -0.87 -17.58 -9.52
C PHE A 130 -0.63 -18.91 -8.78
N LEU A 131 -1.70 -19.50 -8.28
CA LEU A 131 -1.53 -20.78 -7.60
C LEU A 131 -1.05 -21.84 -8.60
N ALA A 132 -1.56 -21.83 -9.83
CA ALA A 132 -1.17 -22.88 -10.78
C ALA A 132 0.27 -22.70 -11.19
N ALA A 133 0.68 -21.44 -11.36
CA ALA A 133 2.07 -21.15 -11.71
C ALA A 133 3.02 -21.57 -10.57
N SER A 134 2.61 -21.33 -9.32
CA SER A 134 3.35 -21.75 -8.14
C SER A 134 3.55 -23.28 -8.14
N GLN A 135 2.47 -24.02 -8.38
CA GLN A 135 2.58 -25.47 -8.34
C GLN A 135 3.53 -26.02 -9.40
N SER A 136 3.44 -25.48 -10.62
CA SER A 136 4.33 -25.90 -11.71
C SER A 136 5.81 -25.72 -11.34
N TYR A 137 6.13 -24.57 -10.77
CA TYR A 137 7.48 -24.26 -10.30
C TYR A 137 7.91 -25.17 -9.16
N LEU A 138 7.05 -25.35 -8.15
CA LEU A 138 7.40 -26.25 -7.05
C LEU A 138 7.63 -27.69 -7.53
N ASP A 139 6.76 -28.21 -8.40
CA ASP A 139 6.98 -29.52 -8.99
C ASP A 139 8.35 -29.63 -9.67
N ALA A 140 8.75 -28.60 -10.40
CA ALA A 140 9.99 -28.66 -11.15
C ALA A 140 11.22 -28.71 -10.20
N VAL A 141 11.18 -27.90 -9.15
CA VAL A 141 12.30 -27.88 -8.20
C VAL A 141 12.36 -29.24 -7.44
N ALA A 142 11.21 -29.74 -7.03
CA ALA A 142 11.16 -31.02 -6.33
C ALA A 142 11.70 -32.14 -7.22
N GLN A 143 11.41 -32.13 -8.51
CA GLN A 143 11.97 -33.15 -9.38
C GLN A 143 13.51 -33.09 -9.43
N GLN A 144 14.08 -31.89 -9.42
CA GLN A 144 15.54 -31.74 -9.42
C GLN A 144 16.14 -32.33 -8.16
N VAL A 145 15.47 -32.14 -7.02
CA VAL A 145 16.12 -32.54 -5.75
C VAL A 145 15.50 -33.77 -5.03
N ARG A 146 14.57 -34.46 -5.70
CA ARG A 146 13.80 -35.48 -5.00
C ARG A 146 14.62 -36.54 -4.22
N PRO A 147 15.63 -37.17 -4.84
CA PRO A 147 16.42 -38.16 -4.06
C PRO A 147 17.26 -37.54 -2.95
N LEU A 148 17.44 -36.22 -3.00
CA LEU A 148 18.25 -35.51 -2.01
C LEU A 148 17.43 -35.11 -0.75
N LEU A 149 16.13 -35.32 -0.77
CA LEU A 149 15.30 -34.98 0.38
C LEU A 149 15.54 -36.02 1.49
N ASN A 150 15.49 -35.59 2.75
CA ASN A 150 15.98 -36.40 3.85
C ASN A 150 15.22 -37.73 4.03
N HIS A 151 13.89 -37.71 3.89
CA HIS A 151 13.13 -38.97 4.03
C HIS A 151 13.37 -39.95 2.87
N ASN A 152 14.02 -39.48 1.80
CA ASN A 152 14.48 -40.33 0.70
C ASN A 152 15.94 -40.68 0.82
N GLY A 153 16.53 -40.34 1.94
CA GLY A 153 17.91 -40.61 2.24
C GLY A 153 18.96 -39.56 1.97
N GLY A 154 18.52 -38.36 1.65
CA GLY A 154 19.42 -37.28 1.24
C GLY A 154 19.69 -36.21 2.29
N PRO A 155 20.55 -35.23 1.95
CA PRO A 155 21.01 -34.21 2.89
C PRO A 155 20.06 -33.04 3.14
N ILE A 156 18.97 -32.93 2.36
CA ILE A 156 18.08 -31.79 2.56
C ILE A 156 17.18 -32.10 3.76
N ILE A 157 17.51 -31.51 4.90
CA ILE A 157 16.87 -31.87 6.16
C ILE A 157 15.57 -31.09 6.43
N ALA A 158 15.41 -29.95 5.78
CA ALA A 158 14.25 -29.10 6.02
C ALA A 158 13.95 -28.21 4.82
N VAL A 159 12.66 -27.86 4.64
CA VAL A 159 12.23 -27.06 3.49
C VAL A 159 11.27 -25.99 4.02
N GLN A 160 11.53 -24.74 3.71
CA GLN A 160 10.67 -23.64 4.14
C GLN A 160 9.51 -23.42 3.15
N VAL A 161 8.31 -23.19 3.68
CA VAL A 161 7.12 -22.92 2.87
C VAL A 161 6.89 -21.40 2.85
N GLU A 162 6.95 -20.81 1.69
CA GLU A 162 6.78 -19.38 1.53
C GLU A 162 7.95 -18.66 2.26
N ASN A 163 7.77 -17.40 2.61
CA ASN A 163 8.81 -16.67 3.30
C ASN A 163 8.26 -15.44 4.00
N GLU A 164 8.21 -15.45 5.32
CA GLU A 164 7.76 -14.26 6.08
C GLU A 164 6.42 -13.76 5.57
N TYR A 165 5.48 -14.70 5.36
CA TYR A 165 4.20 -14.30 4.85
C TYR A 165 3.50 -13.39 5.83
N GLY A 166 3.75 -13.60 7.13
CA GLY A 166 3.16 -12.79 8.17
C GLY A 166 3.45 -11.30 8.11
N SER A 167 4.51 -10.89 7.41
CA SER A 167 4.82 -9.48 7.21
C SER A 167 4.06 -8.89 6.03
N TYR A 168 3.32 -9.73 5.31
CA TYR A 168 2.61 -9.32 4.10
C TYR A 168 1.09 -9.27 4.28
N ASP A 169 0.53 -10.33 4.89
CA ASP A 169 -0.91 -10.48 5.02
C ASP A 169 -1.16 -11.57 6.07
N ASP A 170 -2.43 -11.94 6.28
CA ASP A 170 -2.73 -13.02 7.21
C ASP A 170 -3.85 -13.91 6.67
N ASP A 171 -3.89 -14.10 5.35
CA ASP A 171 -4.86 -15.00 4.73
C ASP A 171 -4.39 -16.45 4.98
N HIS A 172 -4.90 -17.08 6.04
CA HIS A 172 -4.41 -18.39 6.42
C HIS A 172 -4.73 -19.45 5.34
N ALA A 173 -5.80 -19.23 4.58
CA ALA A 173 -6.12 -20.12 3.45
C ALA A 173 -5.02 -20.09 2.39
N TYR A 174 -4.48 -18.90 2.12
CA TYR A 174 -3.37 -18.78 1.18
C TYR A 174 -2.16 -19.57 1.68
N MET A 175 -1.81 -19.43 2.98
CA MET A 175 -0.67 -20.19 3.47
C MET A 175 -0.98 -21.70 3.42
N ALA A 176 -2.20 -22.10 3.76
CA ALA A 176 -2.57 -23.53 3.73
C ALA A 176 -2.47 -24.05 2.30
N ASP A 177 -2.86 -23.20 1.34
CA ASP A 177 -2.72 -23.58 -0.07
C ASP A 177 -1.27 -23.87 -0.40
N ASN A 178 -0.37 -22.97 0.04
CA ASN A 178 1.04 -23.21 -0.21
C ASN A 178 1.57 -24.47 0.41
N ARG A 179 1.23 -24.75 1.68
CA ARG A 179 1.70 -26.01 2.27
C ARG A 179 1.20 -27.20 1.43
N ALA A 180 -0.07 -27.18 1.04
CA ALA A 180 -0.63 -28.27 0.25
C ALA A 180 0.10 -28.43 -1.11
N MET A 181 0.56 -27.31 -1.70
CA MET A 181 1.32 -27.38 -2.95
C MET A 181 2.69 -28.01 -2.72
N PHE A 182 3.33 -27.67 -1.60
CA PHE A 182 4.61 -28.27 -1.26
C PHE A 182 4.45 -29.77 -1.07
N VAL A 183 3.37 -30.18 -0.39
CA VAL A 183 3.10 -31.62 -0.21
C VAL A 183 2.84 -32.32 -1.54
N LYS A 184 2.04 -31.69 -2.41
CA LYS A 184 1.75 -32.30 -3.71
C LYS A 184 3.05 -32.47 -4.55
N ALA A 185 3.96 -31.50 -4.47
CA ALA A 185 5.25 -31.56 -5.15
C ALA A 185 6.16 -32.65 -4.58
N GLY A 186 5.95 -33.02 -3.32
CA GLY A 186 6.76 -34.03 -2.68
C GLY A 186 7.76 -33.50 -1.65
N PHE A 187 7.65 -32.21 -1.29
CA PHE A 187 8.59 -31.65 -0.33
C PHE A 187 8.31 -32.11 1.11
N ASP A 188 7.21 -32.84 1.32
CA ASP A 188 6.96 -33.36 2.65
C ASP A 188 7.89 -34.55 2.98
N LYS A 189 8.77 -34.91 2.06
CA LYS A 189 9.86 -35.84 2.37
C LYS A 189 11.05 -35.14 3.09
N ALA A 190 10.80 -33.93 3.58
CA ALA A 190 11.71 -33.25 4.51
C ALA A 190 10.83 -32.51 5.51
N LEU A 191 11.45 -32.04 6.59
CA LEU A 191 10.74 -31.29 7.60
C LEU A 191 10.29 -29.97 7.01
N LEU A 192 8.99 -29.70 7.06
CA LEU A 192 8.48 -28.42 6.56
C LEU A 192 8.42 -27.37 7.67
N PHE A 193 8.64 -26.10 7.33
CA PHE A 193 8.58 -25.04 8.33
C PHE A 193 8.29 -23.70 7.69
N THR A 194 7.87 -22.74 8.51
CA THR A 194 7.72 -21.35 8.07
C THR A 194 8.74 -20.48 8.84
N SER A 195 9.10 -19.32 8.28
CA SER A 195 9.83 -18.32 9.09
C SER A 195 9.09 -16.98 9.08
N ASP A 196 9.15 -16.27 10.21
CA ASP A 196 8.50 -14.97 10.35
C ASP A 196 9.27 -14.10 11.33
N GLY A 197 9.07 -12.78 11.18
CA GLY A 197 9.42 -11.85 12.25
C GLY A 197 8.64 -12.17 13.53
N ALA A 198 9.24 -11.80 14.66
CA ALA A 198 8.73 -12.25 15.95
C ALA A 198 7.33 -11.72 16.25
N ASP A 199 6.96 -10.54 15.74
CA ASP A 199 5.63 -10.01 16.00
C ASP A 199 4.61 -10.49 14.95
N MET A 200 5.10 -11.21 13.96
CA MET A 200 4.27 -11.65 12.81
C MET A 200 3.85 -13.14 12.80
N LEU A 201 4.09 -13.84 13.91
CA LEU A 201 3.92 -15.29 13.94
C LEU A 201 2.46 -15.65 13.79
N ALA A 202 1.54 -14.92 14.43
CA ALA A 202 0.14 -15.34 14.29
C ALA A 202 -0.31 -15.17 12.83
N ASN A 203 0.26 -14.19 12.14
CA ASN A 203 -0.15 -13.93 10.74
C ASN A 203 0.37 -14.98 9.74
N GLY A 204 1.61 -15.44 9.93
CA GLY A 204 2.33 -16.14 8.90
C GLY A 204 2.43 -17.64 9.06
N THR A 205 1.96 -18.17 10.20
CA THR A 205 2.22 -19.58 10.46
C THR A 205 1.02 -20.49 10.13
N LEU A 206 1.23 -21.79 10.27
CA LEU A 206 0.15 -22.79 10.16
C LEU A 206 0.19 -23.81 11.30
N PRO A 207 -0.97 -24.02 11.99
CA PRO A 207 -0.98 -25.06 13.04
C PRO A 207 -0.53 -26.39 12.43
N GLY A 208 0.32 -27.13 13.13
CA GLY A 208 0.82 -28.37 12.57
C GLY A 208 2.13 -28.25 11.81
N THR A 209 2.60 -27.03 11.57
CA THR A 209 3.86 -26.82 10.85
C THR A 209 4.82 -26.01 11.73
N LEU A 210 6.05 -26.51 11.87
CA LEU A 210 7.04 -25.81 12.71
C LEU A 210 7.25 -24.34 12.27
N ALA A 211 7.30 -23.42 13.23
CA ALA A 211 7.71 -22.03 12.94
C ALA A 211 9.10 -21.76 13.50
N VAL A 212 9.88 -21.01 12.71
CA VAL A 212 11.13 -20.40 13.22
C VAL A 212 11.02 -18.86 13.10
N VAL A 213 11.95 -18.16 13.76
CA VAL A 213 11.90 -16.71 13.92
C VAL A 213 13.12 -16.04 13.27
N ASN A 214 12.87 -14.87 12.69
CA ASN A 214 13.94 -14.08 12.01
C ASN A 214 14.09 -12.77 12.72
N PHE A 215 15.32 -12.29 12.96
CA PHE A 215 15.45 -11.03 13.71
C PHE A 215 16.84 -10.41 13.55
N ALA A 216 16.94 -9.17 14.04
CA ALA A 216 18.15 -8.34 13.92
C ALA A 216 19.04 -8.39 15.16
N PRO A 217 20.32 -7.99 15.01
CA PRO A 217 21.18 -7.92 16.20
C PRO A 217 20.58 -7.07 17.32
N GLY A 218 20.66 -7.59 18.54
CA GLY A 218 20.11 -6.88 19.70
C GLY A 218 18.71 -7.34 20.07
N GLU A 219 18.08 -8.11 19.18
CA GLU A 219 16.70 -8.57 19.40
C GLU A 219 16.55 -10.02 19.89
N ALA A 220 17.64 -10.74 19.96
CA ALA A 220 17.65 -12.15 20.28
C ALA A 220 16.82 -12.50 21.56
N LYS A 221 16.99 -11.91 22.69
N LYS A 221 16.91 -11.91 22.78
CA LYS A 221 16.29 -12.27 23.92
CA LYS A 221 16.30 -12.40 23.96
C LYS A 221 14.77 -12.05 23.78
C LYS A 221 14.81 -12.21 23.85
N SER A 222 14.32 -11.04 23.38
CA SER A 222 12.93 -10.50 23.03
C SER A 222 12.34 -11.46 21.98
N ALA A 223 13.07 -11.71 20.90
CA ALA A 223 12.45 -12.48 19.82
C ALA A 223 12.25 -13.94 20.21
N PHE A 224 13.21 -14.52 20.92
CA PHE A 224 13.05 -15.89 21.36
C PHE A 224 11.98 -16.00 22.44
N ASP A 225 11.82 -14.97 23.28
CA ASP A 225 10.75 -14.98 24.29
C ASP A 225 9.39 -15.07 23.55
N LYS A 226 9.23 -14.28 22.49
CA LYS A 226 8.00 -14.31 21.69
C LYS A 226 7.77 -15.64 20.97
N LEU A 227 8.82 -16.21 20.38
CA LEU A 227 8.70 -17.50 19.67
C LEU A 227 8.28 -18.58 20.67
N ILE A 228 8.95 -18.61 21.84
CA ILE A 228 8.64 -19.65 22.83
C ILE A 228 7.23 -19.50 23.37
N LYS A 229 6.77 -18.28 23.62
CA LYS A 229 5.40 -18.08 24.05
C LYS A 229 4.40 -18.55 22.97
N PHE A 230 4.72 -18.25 21.71
CA PHE A 230 3.83 -18.63 20.62
C PHE A 230 3.81 -20.16 20.40
N GLN A 231 4.97 -20.80 20.60
CA GLN A 231 5.22 -22.20 20.23
C GLN A 231 6.06 -22.87 21.32
N PRO A 232 5.44 -23.10 22.48
CA PRO A 232 6.24 -23.51 23.64
C PRO A 232 6.74 -24.96 23.59
N ASP A 233 6.08 -25.86 22.84
CA ASP A 233 6.47 -27.26 22.88
C ASP A 233 7.32 -27.78 21.71
N GLN A 234 7.87 -26.88 20.88
CA GLN A 234 8.68 -27.25 19.69
C GLN A 234 10.10 -26.73 19.83
N PRO A 235 11.06 -27.23 19.00
CA PRO A 235 12.43 -26.68 19.03
C PRO A 235 12.43 -25.21 18.71
N ARG A 236 13.50 -24.56 19.14
CA ARG A 236 13.70 -23.14 18.93
C ARG A 236 14.81 -22.85 17.92
N MET A 237 14.50 -22.11 16.86
CA MET A 237 15.53 -21.78 15.85
C MET A 237 15.35 -20.35 15.36
N VAL A 238 16.46 -19.63 15.16
CA VAL A 238 16.41 -18.38 14.40
C VAL A 238 16.69 -18.72 12.93
N GLY A 239 15.66 -18.58 12.08
CA GLY A 239 15.76 -18.96 10.68
C GLY A 239 16.63 -18.00 9.89
N GLU A 240 16.69 -16.76 10.36
CA GLU A 240 17.60 -15.74 9.82
C GLU A 240 18.05 -14.83 10.94
N TYR A 241 19.34 -14.92 11.28
CA TYR A 241 19.98 -13.92 12.14
C TYR A 241 20.74 -12.96 11.24
N TRP A 242 20.28 -11.72 11.16
CA TRP A 242 20.82 -10.74 10.19
C TRP A 242 22.15 -10.19 10.67
N ALA A 243 23.21 -10.94 10.38
CA ALA A 243 24.56 -10.60 10.85
C ALA A 243 25.29 -9.72 9.82
N GLY A 244 24.74 -8.54 9.61
CA GLY A 244 25.16 -7.68 8.51
C GLY A 244 23.94 -6.91 8.04
N TRP A 245 24.07 -6.21 6.93
CA TRP A 245 22.91 -5.61 6.28
C TRP A 245 23.27 -5.25 4.85
N PHE A 246 22.26 -5.01 4.02
CA PHE A 246 22.48 -4.70 2.60
C PHE A 246 22.48 -3.22 2.34
N ASP A 247 22.86 -2.85 1.11
CA ASP A 247 23.04 -1.47 0.69
C ASP A 247 21.97 -1.01 -0.31
N HIS A 248 21.70 0.30 -0.28
CA HIS A 248 20.95 0.99 -1.35
C HIS A 248 21.84 1.96 -2.11
N TRP A 249 21.58 2.15 -3.42
CA TRP A 249 22.27 3.19 -4.15
C TRP A 249 21.98 4.53 -3.48
N GLY A 250 23.01 5.34 -3.25
CA GLY A 250 22.78 6.68 -2.72
C GLY A 250 22.78 6.80 -1.20
N THR A 251 23.06 5.70 -0.52
CA THR A 251 23.18 5.72 0.95
C THR A 251 24.52 5.03 1.35
N PRO A 252 25.08 5.39 2.51
CA PRO A 252 26.41 4.84 2.83
C PRO A 252 26.48 3.29 2.89
N HIS A 253 27.64 2.71 2.54
CA HIS A 253 27.84 1.26 2.75
C HIS A 253 27.62 0.87 4.21
N ALA A 254 26.89 -0.22 4.42
CA ALA A 254 26.56 -0.69 5.76
C ALA A 254 27.83 -0.97 6.58
N SER A 255 27.78 -0.64 7.86
CA SER A 255 28.85 -1.00 8.77
C SER A 255 28.20 -1.45 10.09
N THR A 256 28.13 -2.74 10.29
CA THR A 256 27.37 -3.25 11.44
C THR A 256 28.31 -3.70 12.56
N ASN A 257 27.74 -4.04 13.72
CA ASN A 257 28.56 -4.18 14.91
C ASN A 257 28.97 -5.63 15.13
N ALA A 258 30.18 -6.00 14.72
CA ALA A 258 30.64 -7.38 14.85
C ALA A 258 30.69 -7.88 16.30
N LYS A 259 31.13 -7.03 17.23
CA LYS A 259 31.14 -7.41 18.66
C LYS A 259 29.74 -7.78 19.14
N GLN A 260 28.75 -6.93 18.86
CA GLN A 260 27.37 -7.19 19.24
C GLN A 260 26.90 -8.55 18.71
N GLN A 261 27.22 -8.79 17.44
CA GLN A 261 26.69 -9.97 16.73
C GLN A 261 27.33 -11.23 17.28
N THR A 262 28.63 -11.12 17.58
CA THR A 262 29.41 -12.25 18.09
C THR A 262 28.93 -12.61 19.50
N GLU A 263 28.77 -11.60 20.36
CA GLU A 263 28.30 -11.88 21.75
C GLU A 263 26.88 -12.43 21.76
N GLU A 264 26.03 -11.87 20.90
CA GLU A 264 24.64 -12.36 20.85
C GLU A 264 24.55 -13.75 20.23
N LEU A 265 25.37 -14.03 19.22
CA LEU A 265 25.40 -15.40 18.67
C LEU A 265 25.79 -16.40 19.78
N GLU A 266 26.81 -16.06 20.58
CA GLU A 266 27.22 -16.97 21.64
C GLU A 266 26.06 -17.18 22.64
N TRP A 267 25.33 -16.11 22.96
CA TRP A 267 24.20 -16.22 23.87
C TRP A 267 23.12 -17.15 23.30
N ILE A 268 22.80 -16.96 22.01
CA ILE A 268 21.81 -17.82 21.35
C ILE A 268 22.20 -19.30 21.42
N LEU A 269 23.44 -19.59 21.04
CA LEU A 269 23.88 -20.96 20.98
C LEU A 269 24.00 -21.59 22.38
N ARG A 270 24.35 -20.79 23.40
CA ARG A 270 24.43 -21.35 24.76
C ARG A 270 23.05 -21.71 25.31
N GLN A 271 21.97 -21.15 24.76
CA GLN A 271 20.63 -21.61 25.18
C GLN A 271 20.35 -23.01 24.67
N GLY A 272 21.09 -23.47 23.66
CA GLY A 272 20.73 -24.69 22.94
C GLY A 272 19.95 -24.44 21.65
N HIS A 273 19.62 -23.17 21.39
CA HIS A 273 18.80 -22.85 20.21
C HIS A 273 19.62 -23.09 18.93
N SER A 274 18.92 -23.44 17.85
CA SER A 274 19.56 -23.56 16.53
C SER A 274 19.58 -22.23 15.84
N ALA A 275 20.44 -22.09 14.82
CA ALA A 275 20.62 -20.77 14.18
C ALA A 275 21.07 -20.92 12.76
N ASN A 276 20.60 -19.98 11.93
CA ASN A 276 21.06 -19.77 10.55
C ASN A 276 21.55 -18.32 10.39
N LEU A 277 22.83 -18.16 10.11
CA LEU A 277 23.39 -16.85 9.93
C LEU A 277 23.08 -16.30 8.53
N TYR A 278 22.40 -15.18 8.46
CA TYR A 278 22.01 -14.56 7.19
C TYR A 278 22.76 -13.22 7.07
N MET A 279 23.67 -13.05 6.11
CA MET A 279 24.23 -14.03 5.22
C MET A 279 25.54 -14.57 5.74
N PHE A 280 25.88 -15.81 5.44
CA PHE A 280 27.23 -16.23 5.77
C PHE A 280 28.19 -15.56 4.74
N ILE A 281 27.83 -15.71 3.47
CA ILE A 281 28.41 -14.89 2.39
C ILE A 281 27.24 -14.40 1.53
N GLY A 282 27.24 -13.11 1.14
CA GLY A 282 26.13 -12.63 0.34
C GLY A 282 26.43 -12.78 -1.15
N GLY A 283 27.65 -12.46 -1.54
CA GLY A 283 28.02 -12.57 -2.95
C GLY A 283 27.54 -11.40 -3.79
N THR A 284 26.99 -11.72 -4.96
CA THR A 284 26.69 -10.68 -5.96
C THR A 284 25.34 -10.97 -6.60
N SER A 285 24.53 -9.94 -6.83
CA SER A 285 23.38 -10.03 -7.71
C SER A 285 23.84 -9.64 -9.13
N PHE A 286 24.37 -10.61 -9.90
CA PHE A 286 24.89 -10.25 -11.21
C PHE A 286 23.78 -9.74 -12.16
N GLY A 287 24.18 -9.03 -13.22
CA GLY A 287 23.20 -8.56 -14.20
C GLY A 287 22.17 -7.61 -13.61
N PHE A 288 20.88 -7.86 -13.95
CA PHE A 288 19.79 -6.96 -13.55
C PHE A 288 19.03 -7.47 -12.31
N MET A 289 19.63 -8.35 -11.53
CA MET A 289 18.80 -9.16 -10.59
C MET A 289 18.69 -8.62 -9.16
N ASN A 290 19.23 -7.43 -8.88
CA ASN A 290 18.97 -6.77 -7.58
C ASN A 290 17.50 -6.50 -7.35
N GLY A 291 17.13 -6.32 -6.09
CA GLY A 291 15.79 -5.88 -5.71
C GLY A 291 15.73 -4.40 -5.35
N ALA A 292 14.70 -4.05 -4.59
CA ALA A 292 14.44 -2.67 -4.20
C ALA A 292 13.40 -2.64 -3.08
N ASN A 293 13.46 -1.61 -2.26
CA ASN A 293 12.50 -1.40 -1.21
C ASN A 293 11.55 -0.25 -1.50
N PHE A 294 10.38 -0.30 -0.90
CA PHE A 294 9.45 0.82 -0.85
C PHE A 294 8.60 0.63 0.39
N GLN A 295 9.05 1.11 1.51
CA GLN A 295 8.41 0.82 2.78
C GLN A 295 7.12 1.62 3.04
N GLY A 296 6.45 1.34 4.14
CA GLY A 296 5.09 1.81 4.33
C GLY A 296 4.86 3.17 4.98
N ASN A 297 5.90 3.80 5.52
CA ASN A 297 5.74 5.11 6.18
C ASN A 297 5.61 6.25 5.18
N PRO A 298 4.95 7.35 5.59
CA PRO A 298 4.74 8.45 4.66
C PRO A 298 6.02 9.03 4.08
N SER A 299 7.16 8.94 4.79
CA SER A 299 8.41 9.51 4.27
C SER A 299 9.27 8.48 3.54
N ASP A 300 8.73 7.28 3.31
CA ASP A 300 9.49 6.23 2.61
C ASP A 300 9.25 6.30 1.11
N HIS A 301 10.29 6.01 0.33
CA HIS A 301 10.16 6.04 -1.13
C HIS A 301 10.92 4.89 -1.78
N TYR A 302 10.77 4.74 -3.10
CA TYR A 302 11.43 3.69 -3.87
C TYR A 302 12.93 3.77 -3.63
N ALA A 303 13.54 2.62 -3.32
CA ALA A 303 14.96 2.57 -2.93
C ALA A 303 15.65 1.32 -3.49
N PRO A 304 16.34 1.47 -4.63
CA PRO A 304 16.98 0.28 -5.24
C PRO A 304 18.24 -0.18 -4.54
N GLN A 305 18.43 -1.50 -4.48
CA GLN A 305 19.62 -2.08 -3.86
C GLN A 305 20.80 -2.17 -4.82
N THR A 306 22.03 -2.22 -4.26
CA THR A 306 23.27 -2.24 -5.08
C THR A 306 23.49 -3.62 -5.74
N THR A 307 24.38 -3.66 -6.74
CA THR A 307 24.79 -4.93 -7.36
C THR A 307 25.49 -5.87 -6.38
N SER A 308 26.47 -5.35 -5.65
CA SER A 308 27.07 -6.12 -4.59
C SER A 308 26.06 -6.48 -3.52
N TYR A 309 26.10 -7.74 -3.06
CA TYR A 309 25.38 -8.21 -1.86
C TYR A 309 26.41 -8.59 -0.80
N ASP A 310 27.49 -7.81 -0.74
CA ASP A 310 28.53 -8.00 0.27
C ASP A 310 27.92 -8.23 1.66
N TYR A 311 26.93 -7.40 1.98
CA TYR A 311 26.10 -7.53 3.21
C TYR A 311 26.87 -7.27 4.50
N ASP A 312 28.12 -6.80 4.42
CA ASP A 312 29.00 -6.75 5.61
C ASP A 312 29.00 -8.10 6.33
N ALA A 313 28.95 -9.16 5.53
CA ALA A 313 28.87 -10.54 6.02
C ALA A 313 30.21 -11.11 6.50
N ILE A 314 30.15 -12.22 7.23
CA ILE A 314 31.33 -12.99 7.65
C ILE A 314 32.39 -13.16 6.55
N LEU A 315 31.95 -13.58 5.37
CA LEU A 315 32.77 -13.50 4.17
C LEU A 315 32.31 -12.33 3.39
N ASP A 316 33.28 -11.58 2.83
CA ASP A 316 32.89 -10.51 1.92
C ASP A 316 32.42 -11.02 0.55
N GLU A 317 32.09 -10.07 -0.33
CA GLU A 317 31.50 -10.40 -1.63
C GLU A 317 32.40 -11.39 -2.35
N ALA A 318 33.69 -11.17 -2.24
CA ALA A 318 34.69 -11.98 -2.96
C ALA A 318 35.09 -13.25 -2.25
N GLY A 319 34.38 -13.63 -1.19
CA GLY A 319 34.67 -14.85 -0.47
C GLY A 319 35.82 -14.76 0.52
N ARG A 320 36.36 -13.56 0.72
CA ARG A 320 37.42 -13.39 1.71
C ARG A 320 36.85 -13.31 3.13
N PRO A 321 37.39 -14.10 4.05
CA PRO A 321 37.07 -13.90 5.48
C PRO A 321 37.30 -12.44 5.93
N THR A 322 36.40 -11.93 6.75
CA THR A 322 36.52 -10.61 7.41
C THR A 322 36.90 -10.89 8.87
N PRO A 323 37.22 -9.85 9.65
CA PRO A 323 37.51 -10.13 11.07
C PRO A 323 36.39 -10.82 11.79
N LYS A 324 35.15 -10.64 11.34
CA LYS A 324 34.01 -11.30 11.98
C LYS A 324 34.07 -12.84 11.81
N PHE A 325 34.76 -13.33 10.78
CA PHE A 325 34.97 -14.78 10.63
C PHE A 325 35.68 -15.39 11.83
N ALA A 326 36.84 -14.89 12.23
CA ALA A 326 37.52 -15.52 13.37
C ALA A 326 36.72 -15.38 14.67
N LEU A 327 36.00 -14.27 14.80
CA LEU A 327 35.21 -14.01 16.01
C LEU A 327 34.12 -15.04 16.18
N MET A 328 33.40 -15.28 15.10
CA MET A 328 32.28 -16.21 15.22
C MET A 328 32.74 -17.66 15.16
N ARG A 329 33.81 -17.94 14.42
CA ARG A 329 34.38 -19.27 14.48
C ARG A 329 34.73 -19.65 15.93
N ASP A 330 35.41 -18.74 16.64
CA ASP A 330 35.82 -19.00 18.01
C ASP A 330 34.61 -19.22 18.94
N VAL A 331 33.53 -18.48 18.72
CA VAL A 331 32.28 -18.74 19.46
C VAL A 331 31.82 -20.20 19.30
N ILE A 332 31.73 -20.66 18.05
CA ILE A 332 31.22 -21.99 17.78
C ILE A 332 32.18 -23.04 18.32
N THR A 333 33.49 -22.76 18.26
CA THR A 333 34.46 -23.71 18.81
C THR A 333 34.26 -23.83 20.33
N ARG A 334 34.06 -22.72 21.04
CA ARG A 334 33.80 -22.77 22.47
C ARG A 334 32.53 -23.54 22.82
N VAL A 335 31.45 -23.27 22.10
CA VAL A 335 30.16 -23.90 22.40
C VAL A 335 30.17 -25.39 22.13
N THR A 336 30.67 -25.78 20.97
CA THR A 336 30.69 -27.19 20.59
C THR A 336 31.83 -28.02 21.19
N GLY A 337 32.92 -27.37 21.56
CA GLY A 337 34.14 -28.07 21.94
C GLY A 337 34.82 -28.84 20.80
N VAL A 338 34.46 -28.54 19.56
CA VAL A 338 34.98 -29.27 18.41
C VAL A 338 35.87 -28.35 17.58
N GLN A 339 37.11 -28.75 17.33
CA GLN A 339 38.01 -27.94 16.49
C GLN A 339 37.57 -28.04 15.03
N PRO A 340 37.33 -26.90 14.36
CA PRO A 340 36.84 -26.97 12.98
C PRO A 340 37.96 -27.29 11.99
N PRO A 341 37.60 -27.78 10.80
CA PRO A 341 38.62 -28.01 9.78
C PRO A 341 39.25 -26.71 9.28
N ALA A 342 40.43 -26.82 8.73
CA ALA A 342 41.16 -25.66 8.22
C ALA A 342 40.42 -24.98 7.06
N LEU A 343 40.67 -23.68 6.93
CA LEU A 343 40.27 -22.97 5.72
C LEU A 343 40.98 -23.55 4.51
N PRO A 344 40.35 -23.46 3.32
CA PRO A 344 41.09 -23.83 2.11
C PRO A 344 42.20 -22.84 1.80
N ALA A 345 43.05 -23.20 0.85
CA ALA A 345 44.04 -22.23 0.38
C ALA A 345 43.31 -20.92 -0.03
N PRO A 346 43.81 -19.76 0.41
CA PRO A 346 43.14 -18.49 0.03
C PRO A 346 43.10 -18.27 -1.47
N ILE A 347 42.02 -17.67 -1.95
CA ILE A 347 41.91 -17.31 -3.37
C ILE A 347 42.41 -15.88 -3.54
N ALA A 348 43.36 -15.70 -4.45
CA ALA A 348 44.10 -14.45 -4.59
C ALA A 348 43.26 -13.38 -5.27
N MET A 349 43.63 -12.12 -5.05
CA MET A 349 43.14 -10.98 -5.81
C MET A 349 44.26 -10.41 -6.65
N ALA A 350 43.94 -9.96 -7.87
CA ALA A 350 44.93 -9.40 -8.75
C ALA A 350 44.58 -7.99 -9.19
N ALA A 351 45.61 -7.18 -9.37
CA ALA A 351 45.45 -5.86 -9.98
C ALA A 351 45.73 -5.99 -11.47
N LEU A 352 44.96 -5.26 -12.28
CA LEU A 352 45.16 -5.17 -13.74
C LEU A 352 45.31 -3.72 -14.18
N LYS A 353 46.31 -3.45 -15.05
CA LYS A 353 46.59 -2.08 -15.52
C LYS A 353 45.40 -1.42 -16.22
N ASP A 354 45.41 -0.08 -16.20
CA ASP A 354 44.36 0.68 -16.86
C ASP A 354 44.27 0.29 -18.33
N ALA A 355 43.03 0.07 -18.77
CA ALA A 355 42.71 -0.37 -20.13
C ALA A 355 41.71 0.59 -20.76
N PRO A 356 42.17 1.44 -21.69
CA PRO A 356 41.23 2.33 -22.38
C PRO A 356 40.18 1.55 -23.20
N LEU A 357 38.97 2.06 -23.22
CA LEU A 357 37.95 1.49 -24.08
C LEU A 357 37.74 2.49 -25.22
N ARG A 358 38.40 2.25 -26.34
CA ARG A 358 38.53 3.30 -27.37
C ARG A 358 37.37 3.35 -28.39
N GLU A 359 36.49 2.35 -28.33
CA GLU A 359 35.35 2.32 -29.26
C GLU A 359 34.05 2.73 -28.58
N SER A 360 33.20 3.47 -29.31
CA SER A 360 31.91 3.87 -28.77
C SER A 360 30.78 3.56 -29.76
N ALA A 361 29.58 3.34 -29.24
CA ALA A 361 28.41 3.08 -30.08
C ALA A 361 27.18 3.72 -29.44
N SER A 362 26.46 4.55 -30.21
CA SER A 362 25.32 5.25 -29.63
C SER A 362 24.13 4.32 -29.39
N LEU A 363 23.44 4.45 -28.26
CA LEU A 363 22.22 3.66 -28.10
C LEU A 363 21.23 3.92 -29.24
N TRP A 364 21.23 5.14 -29.78
CA TRP A 364 20.25 5.50 -30.80
C TRP A 364 20.42 4.69 -32.09
N ASP A 365 21.63 4.14 -32.26
CA ASP A 365 21.94 3.28 -33.40
C ASP A 365 21.71 1.78 -33.13
N ASN A 366 21.05 1.49 -32.00
CA ASN A 366 20.88 0.11 -31.54
C ASN A 366 19.46 -0.21 -31.08
N LEU A 367 18.48 0.35 -31.78
CA LEU A 367 17.10 0.11 -31.42
C LEU A 367 16.56 -1.07 -32.22
N PRO A 368 15.65 -1.85 -31.62
CA PRO A 368 14.91 -2.87 -32.36
C PRO A 368 13.86 -2.25 -33.27
N ALA A 369 13.12 -3.08 -34.01
CA ALA A 369 12.00 -2.58 -34.79
C ALA A 369 11.02 -1.88 -33.82
N PRO A 370 10.39 -0.79 -34.26
CA PRO A 370 9.45 -0.09 -33.37
C PRO A 370 8.17 -0.88 -33.14
N ILE A 371 7.57 -0.75 -31.96
CA ILE A 371 6.26 -1.33 -31.70
C ILE A 371 5.26 -0.19 -31.50
N ALA A 372 4.20 -0.15 -32.33
CA ALA A 372 3.24 0.96 -32.30
C ALA A 372 2.31 0.83 -31.11
N ILE A 373 2.20 1.89 -30.32
CA ILE A 373 1.27 1.93 -29.18
C ILE A 373 0.64 3.33 -29.09
N ASP A 374 -0.61 3.41 -28.67
CA ASP A 374 -1.29 4.70 -28.57
C ASP A 374 -0.76 5.52 -27.38
N THR A 375 -0.39 4.82 -26.30
CA THR A 375 0.14 5.46 -25.08
C THR A 375 1.13 4.46 -24.43
N PRO A 376 2.14 4.97 -23.70
CA PRO A 376 3.16 4.06 -23.13
C PRO A 376 2.60 2.93 -22.28
N GLN A 377 3.18 1.75 -22.42
CA GLN A 377 2.78 0.55 -21.68
C GLN A 377 4.01 -0.07 -21.02
N PRO A 378 3.83 -0.77 -19.86
CA PRO A 378 5.01 -1.31 -19.16
C PRO A 378 5.66 -2.45 -19.95
N MET A 379 6.94 -2.70 -19.69
CA MET A 379 7.76 -3.54 -20.57
C MET A 379 7.27 -5.00 -20.71
N GLU A 380 6.51 -5.48 -19.72
CA GLU A 380 6.04 -6.86 -19.78
C GLU A 380 4.96 -7.01 -20.83
N HIS A 381 4.40 -5.90 -21.30
CA HIS A 381 3.44 -5.97 -22.42
C HIS A 381 4.12 -6.44 -23.71
N PHE A 382 5.44 -6.29 -23.79
CA PHE A 382 6.19 -6.65 -24.98
C PHE A 382 7.06 -7.89 -24.75
N GLY A 383 6.77 -8.62 -23.66
CA GLY A 383 7.50 -9.84 -23.36
C GLY A 383 8.87 -9.58 -22.73
N GLN A 384 9.08 -8.36 -22.23
CA GLN A 384 10.41 -8.02 -21.73
C GLN A 384 10.49 -8.16 -20.20
N ASP A 385 11.59 -8.71 -19.70
CA ASP A 385 11.76 -8.89 -18.26
C ASP A 385 12.63 -7.81 -17.61
N TYR A 386 13.87 -7.63 -18.10
CA TYR A 386 14.83 -6.71 -17.46
C TYR A 386 15.45 -5.74 -18.48
N GLY A 387 16.05 -4.68 -17.95
CA GLY A 387 16.85 -3.75 -18.73
C GLY A 387 16.19 -2.39 -18.93
N TYR A 388 16.21 -1.91 -20.18
CA TYR A 388 15.74 -0.57 -20.50
C TYR A 388 14.58 -0.63 -21.50
N ILE A 389 13.79 0.45 -21.58
CA ILE A 389 12.77 0.51 -22.61
C ILE A 389 12.60 1.97 -23.05
N LEU A 390 12.61 2.18 -24.35
CA LEU A 390 12.51 3.53 -24.94
C LEU A 390 11.10 3.78 -25.45
N TYR A 391 10.52 4.92 -25.06
CA TYR A 391 9.26 5.37 -25.63
C TYR A 391 9.49 6.64 -26.48
N ARG A 392 9.08 6.60 -27.74
CA ARG A 392 9.30 7.73 -28.68
C ARG A 392 7.98 8.26 -29.23
N THR A 393 7.89 9.58 -29.37
CA THR A 393 6.78 10.20 -30.09
C THR A 393 7.22 11.54 -30.69
N THR A 394 6.31 12.16 -31.46
CA THR A 394 6.61 13.43 -32.13
C THR A 394 5.86 14.57 -31.45
N VAL A 395 6.53 15.70 -31.26
CA VAL A 395 5.92 16.87 -30.62
C VAL A 395 6.18 18.13 -31.43
N THR A 396 5.34 19.14 -31.22
CA THR A 396 5.46 20.39 -31.96
C THR A 396 5.61 21.58 -31.03
N GLY A 397 6.58 22.44 -31.33
CA GLY A 397 6.79 23.65 -30.57
C GLY A 397 6.31 24.89 -31.31
N PRO A 398 6.76 26.07 -30.87
CA PRO A 398 7.67 26.27 -29.74
C PRO A 398 6.96 26.20 -28.39
N ARG A 399 7.42 25.32 -27.52
CA ARG A 399 6.83 25.16 -26.19
C ARG A 399 7.90 24.95 -25.13
N LYS A 400 7.74 25.62 -24.00
CA LYS A 400 8.53 25.33 -22.82
C LYS A 400 7.54 24.95 -21.73
N GLU A 401 7.34 23.64 -21.55
CA GLU A 401 6.26 23.15 -20.69
C GLU A 401 6.69 21.95 -19.87
N SER A 402 5.82 21.57 -18.93
CA SER A 402 6.09 20.44 -18.05
C SER A 402 5.62 19.12 -18.65
N LEU A 403 6.53 18.17 -18.74
CA LEU A 403 6.21 16.81 -19.20
C LEU A 403 5.95 15.92 -18.00
N TYR A 404 4.70 15.48 -17.85
CA TYR A 404 4.32 14.65 -16.72
C TYR A 404 4.39 13.19 -17.10
N LEU A 405 5.10 12.40 -16.28
CA LEU A 405 5.27 10.98 -16.52
C LEU A 405 4.60 10.12 -15.47
N GLY A 406 4.21 10.74 -14.36
CA GLY A 406 3.60 10.00 -13.28
C GLY A 406 4.60 9.16 -12.52
N GLU A 407 4.16 8.00 -12.04
CA GLU A 407 5.04 7.14 -11.27
C GLU A 407 5.88 6.30 -12.22
N VAL A 408 7.11 6.75 -12.45
CA VAL A 408 8.03 6.07 -13.36
C VAL A 408 8.64 4.85 -12.68
N ARG A 409 8.74 3.73 -13.40
CA ARG A 409 9.40 2.54 -12.85
C ARG A 409 10.65 2.17 -13.66
N ASP A 410 11.80 2.82 -13.40
CA ASP A 410 12.04 3.63 -12.22
C ASP A 410 12.80 4.96 -12.48
N VAL A 411 13.51 5.03 -13.61
CA VAL A 411 14.30 6.22 -13.91
C VAL A 411 14.04 6.54 -15.35
N ALA A 412 13.64 7.77 -15.64
CA ALA A 412 13.48 8.21 -17.02
C ALA A 412 14.50 9.28 -17.39
N ARG A 413 15.20 9.08 -18.50
CA ARG A 413 15.95 10.17 -19.13
C ARG A 413 15.15 10.69 -20.31
N VAL A 414 14.93 12.00 -20.36
CA VAL A 414 14.12 12.58 -21.43
C VAL A 414 15.00 13.34 -22.42
N TYR A 415 14.72 13.18 -23.71
CA TYR A 415 15.50 13.89 -24.76
C TYR A 415 14.57 14.57 -25.79
N VAL A 416 15.08 15.61 -26.44
CA VAL A 416 14.39 16.22 -27.58
C VAL A 416 15.44 16.25 -28.69
N ASP A 417 15.15 15.58 -29.79
CA ASP A 417 16.13 15.34 -30.85
C ASP A 417 17.47 14.85 -30.28
N GLN A 418 17.37 13.91 -29.33
CA GLN A 418 18.52 13.22 -28.76
C GLN A 418 19.40 14.14 -27.89
N LYS A 419 18.93 15.35 -27.59
CA LYS A 419 19.58 16.21 -26.60
C LYS A 419 18.87 16.08 -25.24
N PRO A 420 19.63 15.92 -24.14
CA PRO A 420 18.93 15.66 -22.86
C PRO A 420 18.23 16.92 -22.34
N VAL A 421 17.05 16.76 -21.76
CA VAL A 421 16.23 17.89 -21.30
C VAL A 421 15.68 17.58 -19.89
N GLY A 422 16.23 16.56 -19.25
CA GLY A 422 15.86 16.27 -17.89
C GLY A 422 15.74 14.80 -17.52
N SER A 423 15.54 14.56 -16.23
CA SER A 423 15.34 13.23 -15.72
C SER A 423 14.30 13.22 -14.61
N VAL A 424 13.72 12.03 -14.43
CA VAL A 424 12.61 11.81 -13.53
C VAL A 424 12.82 10.47 -12.83
N GLU A 425 13.04 10.47 -11.52
CA GLU A 425 13.24 9.25 -10.72
C GLU A 425 12.21 9.17 -9.63
N ARG A 426 11.49 8.05 -9.51
CA ARG A 426 10.53 7.94 -8.41
C ARG A 426 11.29 7.85 -7.08
N ARG A 427 12.55 7.43 -7.10
CA ARG A 427 13.39 7.48 -5.90
C ARG A 427 13.41 8.88 -5.30
N LEU A 428 13.36 9.90 -6.16
CA LEU A 428 13.44 11.30 -5.71
C LEU A 428 12.08 12.01 -5.68
N GLN A 429 11.00 11.24 -5.70
CA GLN A 429 9.63 11.79 -5.72
C GLN A 429 9.36 12.67 -6.93
N GLN A 430 10.11 12.49 -8.00
CA GLN A 430 9.88 13.23 -9.24
C GLN A 430 8.85 12.56 -10.12
N VAL A 431 7.98 13.36 -10.73
CA VAL A 431 6.94 12.85 -11.63
C VAL A 431 6.91 13.64 -12.94
N ALA A 432 7.76 14.66 -13.06
CA ALA A 432 7.75 15.50 -14.26
C ALA A 432 9.08 16.21 -14.50
N THR A 433 9.28 16.68 -15.72
CA THR A 433 10.42 17.55 -16.02
C THR A 433 10.01 18.59 -17.05
N GLU A 434 10.57 19.80 -16.94
CA GLU A 434 10.35 20.80 -17.98
C GLU A 434 11.10 20.38 -19.24
N VAL A 435 10.51 20.66 -20.40
CA VAL A 435 11.16 20.35 -21.67
C VAL A 435 11.03 21.55 -22.60
N ASP A 436 12.10 21.83 -23.34
CA ASP A 436 12.10 22.98 -24.24
C ASP A 436 12.03 22.45 -25.66
N ILE A 437 10.89 22.70 -26.30
CA ILE A 437 10.64 22.24 -27.66
C ILE A 437 10.68 23.41 -28.66
N PRO A 438 11.67 23.39 -29.58
CA PRO A 438 11.80 24.45 -30.61
C PRO A 438 10.61 24.50 -31.56
N ALA A 439 10.55 25.55 -32.37
CA ALA A 439 9.53 25.63 -33.42
C ALA A 439 9.66 24.44 -34.35
N GLY A 440 8.52 23.96 -34.83
CA GLY A 440 8.50 22.84 -35.75
C GLY A 440 8.32 21.49 -35.05
N GLN A 441 8.53 20.42 -35.82
CA GLN A 441 8.36 19.05 -35.32
C GLN A 441 9.64 18.50 -34.74
N HIS A 442 9.53 17.73 -33.67
CA HIS A 442 10.70 17.21 -33.01
C HIS A 442 10.40 15.86 -32.39
N THR A 443 11.45 15.08 -32.17
CA THR A 443 11.34 13.77 -31.55
C THR A 443 11.51 13.84 -30.03
N LEU A 444 10.51 13.35 -29.30
CA LEU A 444 10.61 13.24 -27.85
C LEU A 444 10.95 11.79 -27.51
N ASP A 445 12.06 11.60 -26.80
CA ASP A 445 12.48 10.27 -26.40
C ASP A 445 12.44 10.20 -24.89
N VAL A 446 11.76 9.18 -24.37
CA VAL A 446 11.72 8.91 -22.93
C VAL A 446 12.30 7.53 -22.68
N LEU A 447 13.53 7.50 -22.19
CA LEU A 447 14.28 6.27 -22.01
C LEU A 447 14.17 5.87 -20.53
N VAL A 448 13.63 4.68 -20.28
CA VAL A 448 13.34 4.26 -18.93
C VAL A 448 14.17 3.04 -18.55
N GLU A 449 14.83 3.13 -17.39
CA GLU A 449 15.54 2.02 -16.77
C GLU A 449 14.66 1.32 -15.73
N ASN A 450 14.50 0.00 -15.86
CA ASN A 450 14.00 -0.85 -14.76
C ASN A 450 15.15 -1.00 -13.76
N SER A 451 15.03 -0.35 -12.60
CA SER A 451 16.13 -0.37 -11.64
C SER A 451 16.00 -1.52 -10.65
N GLY A 452 14.95 -2.33 -10.82
CA GLY A 452 14.73 -3.50 -9.94
C GLY A 452 13.35 -3.46 -9.31
N ARG A 453 12.52 -4.48 -9.59
CA ARG A 453 11.17 -4.57 -9.03
C ARG A 453 11.26 -4.75 -7.52
N ILE A 454 10.37 -4.05 -6.81
CA ILE A 454 10.28 -4.05 -5.36
C ILE A 454 10.12 -5.49 -4.83
N ASN A 455 10.88 -5.84 -3.80
CA ASN A 455 10.93 -7.25 -3.39
C ASN A 455 10.24 -7.54 -2.05
N TYR A 456 9.58 -6.55 -1.49
CA TYR A 456 9.05 -6.70 -0.15
C TYR A 456 8.03 -5.61 0.09
N GLY A 457 6.98 -5.93 0.86
CA GLY A 457 6.05 -4.92 1.29
C GLY A 457 4.80 -4.81 0.44
N PRO A 458 3.85 -3.98 0.87
CA PRO A 458 2.52 -3.88 0.28
C PRO A 458 2.56 -3.35 -1.16
N ARG A 459 3.67 -2.81 -1.60
CA ARG A 459 3.72 -2.34 -2.95
C ARG A 459 4.31 -3.29 -3.96
N MET A 460 4.76 -4.45 -3.51
CA MET A 460 5.47 -5.36 -4.42
C MET A 460 4.53 -6.04 -5.45
N ALA A 461 3.22 -6.08 -5.21
CA ALA A 461 2.35 -6.78 -6.18
C ALA A 461 2.23 -6.01 -7.50
N ASP A 462 2.48 -4.70 -7.45
CA ASP A 462 2.51 -3.89 -8.70
C ASP A 462 3.93 -3.87 -9.26
N GLY A 463 4.30 -4.94 -9.93
CA GLY A 463 5.65 -5.10 -10.43
C GLY A 463 5.84 -4.65 -11.88
N ARG A 464 4.93 -3.82 -12.38
CA ARG A 464 5.05 -3.31 -13.74
C ARG A 464 6.25 -2.35 -13.87
N ALA A 465 7.13 -2.58 -14.85
CA ALA A 465 8.32 -1.71 -15.05
C ALA A 465 8.22 -0.96 -16.37
N GLY A 466 8.90 0.19 -16.43
CA GLY A 466 8.76 1.13 -17.54
C GLY A 466 7.79 2.25 -17.18
N LEU A 467 6.93 2.63 -18.13
CA LEU A 467 5.88 3.65 -17.90
C LEU A 467 4.49 3.00 -17.83
N VAL A 468 3.61 3.54 -16.98
CA VAL A 468 2.23 3.03 -16.90
C VAL A 468 1.19 4.15 -16.91
N ASP A 469 1.60 5.38 -16.63
CA ASP A 469 0.66 6.49 -16.47
C ASP A 469 0.46 7.28 -17.77
N PRO A 470 -0.63 8.04 -17.86
CA PRO A 470 -0.78 8.92 -19.02
C PRO A 470 0.36 9.92 -19.05
N VAL A 471 0.87 10.22 -20.24
CA VAL A 471 1.92 11.22 -20.39
C VAL A 471 1.30 12.52 -20.87
N LEU A 472 1.58 13.61 -20.17
CA LEU A 472 1.00 14.89 -20.52
C LEU A 472 2.03 16.00 -20.67
N LEU A 473 1.76 16.96 -21.56
CA LEU A 473 2.61 18.14 -21.72
C LEU A 473 1.69 19.23 -21.25
N ASP A 474 2.03 19.80 -20.12
CA ASP A 474 1.17 20.75 -19.47
C ASP A 474 -0.17 20.02 -19.24
N ASN A 475 -1.22 20.44 -19.88
CA ASN A 475 -2.50 19.78 -19.71
C ASN A 475 -2.93 18.95 -20.88
N GLN A 476 -2.05 18.67 -21.83
CA GLN A 476 -2.41 17.93 -23.04
C GLN A 476 -1.83 16.53 -23.04
N GLN A 477 -2.67 15.51 -23.21
CA GLN A 477 -2.14 14.15 -23.21
C GLN A 477 -1.47 13.84 -24.56
N LEU A 478 -0.28 13.25 -24.48
CA LEU A 478 0.45 12.85 -25.67
C LEU A 478 0.11 11.40 -26.06
N THR A 479 -0.33 11.20 -27.29
CA THR A 479 -0.67 9.89 -27.76
C THR A 479 0.11 9.58 -29.02
N ASN A 480 0.00 8.37 -29.50
CA ASN A 480 0.70 7.92 -30.69
C ASN A 480 2.19 7.79 -30.50
N TRP A 481 2.64 6.68 -29.91
CA TRP A 481 4.07 6.46 -29.66
C TRP A 481 4.66 5.22 -30.26
N GLN A 482 5.98 5.08 -30.20
CA GLN A 482 6.69 3.85 -30.50
C GLN A 482 7.45 3.34 -29.29
N ALA A 483 7.36 2.03 -29.05
CA ALA A 483 8.12 1.42 -27.96
C ALA A 483 9.27 0.57 -28.50
N PHE A 484 10.42 0.67 -27.85
CA PHE A 484 11.61 -0.13 -28.19
C PHE A 484 12.13 -0.90 -26.97
N PRO A 485 11.76 -2.18 -26.80
CA PRO A 485 12.36 -2.95 -25.69
C PRO A 485 13.88 -3.06 -25.85
N LEU A 486 14.60 -2.82 -24.76
CA LEU A 486 16.07 -2.88 -24.75
C LEU A 486 16.58 -3.77 -23.59
N PRO A 487 16.36 -5.09 -23.67
CA PRO A 487 16.82 -5.99 -22.59
C PRO A 487 18.34 -6.19 -22.55
N MET A 488 19.04 -5.77 -23.62
CA MET A 488 20.51 -5.86 -23.69
C MET A 488 20.99 -7.27 -23.34
N ARG A 489 20.51 -8.26 -24.10
CA ARG A 489 20.79 -9.66 -23.77
C ARG A 489 22.18 -10.12 -24.24
N SER A 490 22.73 -9.54 -25.31
CA SER A 490 24.10 -9.86 -25.72
C SER A 490 24.82 -8.61 -26.22
N PRO A 491 26.03 -8.38 -25.74
CA PRO A 491 26.73 -7.25 -26.36
C PRO A 491 27.19 -7.52 -27.80
N ASP A 492 27.14 -8.76 -28.27
CA ASP A 492 27.70 -9.09 -29.58
C ASP A 492 26.89 -8.46 -30.72
N SER A 493 25.64 -8.06 -30.42
CA SER A 493 24.75 -7.51 -31.41
C SER A 493 24.89 -6.00 -31.58
N ILE A 494 25.70 -5.37 -30.72
CA ILE A 494 25.84 -3.93 -30.78
C ILE A 494 26.44 -3.51 -32.11
N ARG A 495 25.85 -2.47 -32.67
CA ARG A 495 26.35 -1.88 -33.93
C ARG A 495 26.52 -0.36 -33.77
N GLY A 496 27.00 0.31 -34.83
CA GLY A 496 27.20 1.75 -34.74
C GLY A 496 28.50 2.16 -34.09
N TRP A 497 29.44 1.20 -34.02
CA TRP A 497 30.73 1.37 -33.34
C TRP A 497 31.58 2.39 -34.10
N THR A 498 32.26 3.24 -33.35
CA THR A 498 33.13 4.27 -33.92
C THR A 498 34.26 4.63 -32.94
N ARG A 499 35.35 5.15 -33.48
CA ARG A 499 36.39 5.68 -32.61
C ARG A 499 36.22 7.18 -32.36
N ASN A 500 35.12 7.76 -32.85
CA ASN A 500 34.76 9.14 -32.54
C ASN A 500 34.18 9.22 -31.15
N THR A 501 34.07 10.43 -30.62
CA THR A 501 33.37 10.62 -29.36
C THR A 501 31.86 10.64 -29.66
N VAL A 502 31.08 10.03 -28.76
CA VAL A 502 29.64 9.91 -28.87
C VAL A 502 29.02 10.50 -27.61
N GLU A 503 27.86 11.16 -27.72
CA GLU A 503 27.16 11.57 -26.51
C GLU A 503 26.43 10.38 -25.86
N GLY A 504 26.22 10.45 -24.55
CA GLY A 504 25.42 9.43 -23.90
C GLY A 504 24.02 9.57 -24.44
N PRO A 505 23.24 8.48 -24.43
CA PRO A 505 23.59 7.14 -23.94
C PRO A 505 24.36 6.33 -24.98
N ALA A 506 25.40 5.63 -24.52
CA ALA A 506 26.30 4.91 -25.43
C ALA A 506 27.06 3.76 -24.77
N PHE A 507 27.48 2.80 -25.60
CA PHE A 507 28.35 1.69 -25.19
C PHE A 507 29.80 2.02 -25.46
N HIS A 508 30.70 1.38 -24.70
CA HIS A 508 32.15 1.65 -24.79
C HIS A 508 32.88 0.30 -24.72
N ARG A 509 33.81 0.05 -25.64
CA ARG A 509 34.48 -1.27 -25.73
C ARG A 509 36.00 -1.21 -25.84
N GLY A 510 36.64 -2.20 -25.22
CA GLY A 510 38.09 -2.38 -25.29
C GLY A 510 38.53 -3.74 -24.75
N ASN A 511 39.81 -4.08 -24.90
CA ASN A 511 40.33 -5.34 -24.37
C ASN A 511 41.03 -5.12 -23.02
N LEU A 512 40.82 -6.08 -22.12
CA LEU A 512 41.51 -6.16 -20.84
C LEU A 512 42.37 -7.42 -20.88
N ARG A 513 43.69 -7.30 -20.87
CA ARG A 513 44.53 -8.48 -21.03
C ARG A 513 44.84 -9.12 -19.66
N ILE A 514 44.59 -10.42 -19.59
CA ILE A 514 44.74 -11.15 -18.33
C ILE A 514 45.70 -12.32 -18.59
N GLY A 515 46.76 -12.41 -17.79
CA GLY A 515 47.75 -13.46 -17.98
C GLY A 515 47.26 -14.78 -17.42
N THR A 516 46.98 -14.80 -16.12
CA THR A 516 46.35 -15.96 -15.49
C THR A 516 45.13 -15.49 -14.73
N PRO A 517 43.95 -16.06 -15.02
CA PRO A 517 42.73 -15.60 -14.40
C PRO A 517 42.84 -15.52 -12.88
N ALA A 518 42.35 -14.43 -12.30
CA ALA A 518 42.42 -14.19 -10.84
C ALA A 518 41.38 -13.14 -10.52
N ASP A 519 40.67 -13.31 -9.41
CA ASP A 519 39.59 -12.41 -8.97
C ASP A 519 40.08 -10.96 -9.02
N THR A 520 39.22 -10.06 -9.47
CA THR A 520 39.58 -8.66 -9.56
C THR A 520 38.30 -7.85 -9.45
N TYR A 521 38.42 -6.59 -9.07
CA TYR A 521 37.31 -5.63 -9.11
C TYR A 521 37.48 -4.69 -10.29
N LEU A 522 36.49 -4.67 -11.17
CA LEU A 522 36.48 -3.78 -12.32
C LEU A 522 36.04 -2.39 -11.92
N ASP A 523 37.00 -1.47 -11.96
CA ASP A 523 36.80 -0.09 -11.51
C ASP A 523 35.90 0.66 -12.45
N MET A 524 34.81 1.20 -11.95
CA MET A 524 33.84 1.88 -12.80
C MET A 524 33.85 3.41 -12.68
N ARG A 525 34.88 3.94 -12.04
CA ARG A 525 34.93 5.34 -11.66
C ARG A 525 34.98 6.34 -12.84
N ALA A 526 35.33 5.87 -14.00
CA ALA A 526 35.31 6.69 -15.19
C ALA A 526 33.91 7.00 -15.70
N PHE A 527 32.94 6.25 -15.22
CA PHE A 527 31.61 6.22 -15.80
C PHE A 527 30.51 6.85 -14.96
N GLY A 528 29.39 7.16 -15.60
CA GLY A 528 28.28 7.84 -14.93
C GLY A 528 27.27 6.85 -14.38
N LYS A 529 26.56 6.15 -15.26
CA LYS A 529 25.57 5.16 -14.81
C LYS A 529 25.19 4.16 -15.92
N GLY A 530 25.09 2.89 -15.59
CA GLY A 530 24.71 1.87 -16.56
C GLY A 530 25.02 0.46 -16.10
N ILE A 531 25.51 -0.37 -17.02
CA ILE A 531 25.89 -1.74 -16.72
C ILE A 531 27.23 -2.05 -17.40
N ALA A 532 27.79 -3.22 -17.13
CA ALA A 532 29.06 -3.58 -17.79
C ALA A 532 29.16 -5.07 -18.01
N TRP A 533 29.65 -5.45 -19.18
CA TRP A 533 29.98 -6.82 -19.52
C TRP A 533 31.49 -7.03 -19.45
N ALA A 534 31.94 -8.17 -18.93
CA ALA A 534 33.34 -8.52 -19.03
C ALA A 534 33.45 -9.96 -19.46
N ASN A 535 34.23 -10.20 -20.52
CA ASN A 535 34.30 -11.52 -21.13
C ASN A 535 32.91 -12.13 -21.41
N GLY A 536 31.96 -11.26 -21.75
CA GLY A 536 30.64 -11.69 -22.19
C GLY A 536 29.64 -11.89 -21.05
N VAL A 537 30.08 -11.65 -19.81
CA VAL A 537 29.21 -11.80 -18.65
C VAL A 537 28.71 -10.45 -18.17
N ASN A 538 27.39 -10.28 -18.04
CA ASN A 538 26.86 -9.03 -17.49
C ASN A 538 27.13 -8.99 -15.98
N LEU A 539 28.09 -8.17 -15.55
CA LEU A 539 28.52 -8.17 -14.15
C LEU A 539 27.57 -7.40 -13.26
N GLY A 540 26.71 -6.59 -13.86
CA GLY A 540 25.79 -5.80 -13.08
C GLY A 540 25.86 -4.32 -13.33
N ARG A 541 25.30 -3.57 -12.40
CA ARG A 541 25.13 -2.11 -12.55
C ARG A 541 26.23 -1.28 -11.90
N HIS A 542 26.48 -0.11 -12.45
CA HIS A 542 27.37 0.88 -11.85
C HIS A 542 26.67 2.24 -11.83
N TRP A 543 27.00 3.06 -10.84
CA TRP A 543 26.40 4.38 -10.66
C TRP A 543 27.33 5.26 -9.84
N ASN A 544 27.61 6.45 -10.35
CA ASN A 544 28.57 7.33 -9.68
C ASN A 544 28.05 7.94 -8.39
N ILE A 545 26.78 7.72 -8.04
CA ILE A 545 26.35 8.21 -6.75
C ILE A 545 26.77 7.26 -5.62
N GLY A 546 27.25 6.06 -5.96
CA GLY A 546 27.76 5.17 -4.90
C GLY A 546 26.68 4.47 -4.06
N PRO A 547 27.08 3.78 -2.98
CA PRO A 547 28.44 3.70 -2.43
C PRO A 547 29.40 2.79 -3.19
N GLN A 548 28.90 1.78 -3.92
CA GLN A 548 29.75 0.82 -4.65
C GLN A 548 30.28 1.50 -5.90
N ARG A 549 31.55 1.34 -6.21
CA ARG A 549 32.09 1.90 -7.43
C ARG A 549 32.91 0.98 -8.31
N ALA A 550 32.95 -0.30 -7.98
CA ALA A 550 33.58 -1.30 -8.84
C ALA A 550 32.70 -2.55 -8.91
N LEU A 551 33.00 -3.43 -9.86
CA LEU A 551 32.19 -4.62 -10.08
C LEU A 551 33.04 -5.88 -9.92
N TYR A 552 32.61 -6.79 -9.06
CA TYR A 552 33.32 -8.06 -8.90
C TYR A 552 33.38 -8.82 -10.22
N PHE A 553 34.59 -9.22 -10.60
CA PHE A 553 34.86 -9.96 -11.84
C PHE A 553 35.62 -11.20 -11.42
N PRO A 554 34.91 -12.25 -11.00
CA PRO A 554 35.66 -13.43 -10.48
C PRO A 554 36.42 -14.21 -11.56
N ALA A 555 37.52 -14.84 -11.13
CA ALA A 555 38.39 -15.60 -12.04
C ALA A 555 37.66 -16.59 -12.96
N PRO A 556 36.69 -17.36 -12.43
CA PRO A 556 35.98 -18.27 -13.37
C PRO A 556 35.16 -17.59 -14.46
N PHE A 557 34.94 -16.29 -14.42
CA PHE A 557 34.28 -15.60 -15.54
C PHE A 557 35.32 -15.13 -16.54
N GLN A 558 36.60 -15.17 -16.17
CA GLN A 558 37.69 -14.69 -17.05
C GLN A 558 38.27 -15.79 -17.94
N ARG A 559 38.89 -15.41 -19.04
CA ARG A 559 39.71 -16.35 -19.76
C ARG A 559 41.16 -15.83 -19.81
N LYS A 560 42.08 -16.75 -20.03
CA LYS A 560 43.47 -16.38 -20.34
C LYS A 560 43.61 -15.48 -21.56
N GLY A 561 44.37 -14.39 -21.43
CA GLY A 561 44.60 -13.53 -22.58
C GLY A 561 43.62 -12.37 -22.64
N ASP A 562 43.30 -11.89 -23.85
CA ASP A 562 42.41 -10.74 -23.95
C ASP A 562 40.95 -11.07 -23.53
N ASN A 563 40.38 -10.20 -22.70
CA ASN A 563 38.98 -10.25 -22.26
C ASN A 563 38.24 -9.02 -22.70
N THR A 564 37.23 -9.18 -23.54
CA THR A 564 36.49 -8.01 -24.01
C THR A 564 35.71 -7.34 -22.88
N VAL A 565 35.82 -6.01 -22.75
CA VAL A 565 34.97 -5.30 -21.80
C VAL A 565 34.04 -4.36 -22.55
N VAL A 566 32.74 -4.43 -22.27
CA VAL A 566 31.78 -3.46 -22.82
C VAL A 566 31.01 -2.77 -21.70
N VAL A 567 31.04 -1.44 -21.67
CA VAL A 567 30.37 -0.67 -20.62
C VAL A 567 29.29 0.23 -21.22
N PHE A 568 28.07 0.09 -20.72
CA PHE A 568 26.99 0.99 -21.11
C PHE A 568 26.94 2.17 -20.13
N ASP A 569 26.93 3.40 -20.64
CA ASP A 569 26.84 4.61 -19.80
C ASP A 569 25.76 5.54 -20.34
N LEU A 570 24.72 5.79 -19.54
CA LEU A 570 23.71 6.79 -19.88
C LEU A 570 24.28 8.18 -20.16
N ASP A 571 25.33 8.54 -19.41
CA ASP A 571 25.98 9.86 -19.52
C ASP A 571 27.13 9.84 -20.52
N SER A 572 27.41 10.97 -21.18
CA SER A 572 28.61 11.12 -22.00
C SER A 572 29.85 10.81 -21.15
N THR A 573 30.77 10.01 -21.68
CA THR A 573 31.92 9.57 -20.89
C THR A 573 33.18 10.26 -21.40
N ALA A 574 33.85 11.03 -20.56
CA ALA A 574 34.99 11.82 -21.02
C ALA A 574 36.24 10.98 -21.33
N LYS A 575 36.55 10.03 -20.46
CA LYS A 575 37.75 9.20 -20.61
C LYS A 575 37.42 7.76 -20.26
N PRO A 576 36.79 7.03 -21.21
CA PRO A 576 36.34 5.68 -20.89
C PRO A 576 37.50 4.71 -20.77
N SER A 577 37.63 4.09 -19.58
CA SER A 577 38.63 3.07 -19.36
C SER A 577 38.25 2.30 -18.10
N VAL A 578 38.90 1.20 -17.89
CA VAL A 578 38.64 0.40 -16.71
C VAL A 578 39.98 -0.11 -16.11
N ARG A 579 40.17 -0.53 -14.94
N ARG A 579 40.29 -0.45 -14.84
CA ARG A 579 41.36 -1.15 -14.42
CA ARG A 579 41.43 -1.16 -14.41
C ARG A 579 40.87 -2.26 -13.47
C ARG A 579 40.83 -2.21 -13.50
N GLY A 580 41.62 -3.18 -13.02
CA GLY A 580 41.59 -4.38 -12.08
C GLY A 580 42.06 -3.95 -10.73
N LEU A 581 41.16 -3.96 -9.76
CA LEU A 581 41.54 -3.61 -8.39
C LEU A 581 41.46 -4.83 -7.49
N GLN A 582 42.29 -4.83 -6.45
CA GLN A 582 42.26 -5.91 -5.48
C GLN A 582 41.29 -5.71 -4.33
N GLN A 583 40.38 -4.74 -4.44
CA GLN A 583 39.45 -4.46 -3.34
C GLN A 583 38.31 -3.65 -3.92
N GLN A 584 37.13 -3.70 -3.28
CA GLN A 584 35.99 -2.86 -3.65
C GLN A 584 36.33 -1.39 -3.39
N VAL A 585 35.77 -0.50 -4.22
CA VAL A 585 35.77 0.94 -4.00
C VAL A 585 34.46 1.40 -3.39
N TRP A 586 34.52 1.87 -2.14
CA TRP A 586 33.36 2.48 -1.50
C TRP A 586 33.56 3.98 -1.42
N ILE A 587 32.51 4.73 -1.73
CA ILE A 587 32.52 6.19 -1.56
C ILE A 587 31.35 6.61 -0.70
N THR A 588 31.45 7.82 -0.17
CA THR A 588 30.33 8.48 0.50
C THR A 588 29.40 9.01 -0.60
N PRO A 589 28.12 8.63 -0.57
CA PRO A 589 27.24 9.07 -1.64
C PRO A 589 27.21 10.56 -1.86
N LYS A 590 27.13 10.93 -3.13
CA LYS A 590 27.22 12.31 -3.62
C LYS A 590 26.27 13.28 -2.94
N GLN B 6 -18.83 44.38 11.08
CA GLN B 6 -17.50 43.82 10.94
C GLN B 6 -17.13 42.91 12.05
N TRP B 7 -16.90 41.65 11.67
CA TRP B 7 -16.44 40.67 12.60
C TRP B 7 -15.12 41.18 13.13
N PRO B 8 -14.95 41.02 14.42
CA PRO B 8 -13.66 41.27 15.07
C PRO B 8 -12.52 40.66 14.27
N THR B 9 -11.45 41.43 14.07
CA THR B 9 -10.28 40.93 13.36
C THR B 9 -9.66 39.73 14.07
N PHE B 10 -9.12 38.79 13.31
CA PHE B 10 -8.47 37.62 13.88
C PHE B 10 -7.08 37.42 13.28
N ALA B 11 -6.08 37.25 14.13
CA ALA B 11 -4.71 37.05 13.68
C ALA B 11 -3.87 36.37 14.75
N THR B 12 -2.56 36.32 14.51
CA THR B 12 -1.63 35.76 15.47
C THR B 12 -0.68 36.85 15.98
N GLN B 13 -0.07 36.59 17.13
CA GLN B 13 0.91 37.49 17.69
C GLN B 13 1.79 36.69 18.64
N GLY B 14 2.95 36.29 18.15
CA GLY B 14 3.80 35.39 18.91
C GLY B 14 3.07 34.08 19.12
N THR B 15 3.03 33.62 20.37
CA THR B 15 2.40 32.35 20.71
C THR B 15 0.92 32.49 21.06
N GLN B 16 0.30 33.59 20.66
CA GLN B 16 -1.11 33.84 20.96
C GLN B 16 -1.94 34.13 19.72
N PHE B 17 -3.20 33.68 19.73
CA PHE B 17 -4.20 34.21 18.82
C PHE B 17 -4.64 35.57 19.38
N VAL B 18 -4.92 36.52 18.51
CA VAL B 18 -5.42 37.81 18.95
C VAL B 18 -6.71 38.19 18.23
N ARG B 19 -7.74 38.54 18.98
CA ARG B 19 -8.97 39.04 18.38
C ARG B 19 -9.14 40.51 18.79
N ASP B 20 -9.15 41.39 17.78
CA ASP B 20 -9.09 42.83 17.99
C ASP B 20 -7.93 43.20 18.91
N GLY B 21 -6.74 42.69 18.58
CA GLY B 21 -5.53 43.06 19.28
C GLY B 21 -5.31 42.36 20.62
N LYS B 22 -6.37 41.82 21.20
CA LYS B 22 -6.31 41.21 22.52
C LYS B 22 -6.23 39.68 22.46
N PRO B 23 -5.48 39.07 23.39
CA PRO B 23 -5.33 37.60 23.46
C PRO B 23 -6.67 36.90 23.49
N TYR B 24 -6.81 35.86 22.67
CA TYR B 24 -8.09 35.19 22.51
C TYR B 24 -7.85 33.69 22.45
N GLN B 25 -8.59 32.93 23.26
CA GLN B 25 -8.50 31.48 23.25
C GLN B 25 -9.66 30.89 22.46
N VAL B 26 -9.34 30.22 21.36
CA VAL B 26 -10.36 29.64 20.51
C VAL B 26 -10.90 28.38 21.17
N LEU B 27 -12.20 28.37 21.41
CA LEU B 27 -12.89 27.23 21.97
C LEU B 27 -13.84 26.72 20.91
N SER B 28 -13.41 25.71 20.15
CA SER B 28 -14.19 25.27 18.99
C SER B 28 -14.78 23.87 19.14
N GLY B 29 -15.86 23.65 18.39
CA GLY B 29 -16.48 22.34 18.30
C GLY B 29 -16.79 22.01 16.84
N ALA B 30 -16.59 20.74 16.48
CA ALA B 30 -16.80 20.27 15.10
C ALA B 30 -18.27 19.99 14.85
N ILE B 31 -18.83 20.64 13.83
CA ILE B 31 -20.19 20.37 13.37
C ILE B 31 -20.23 20.30 11.84
N HIS B 32 -20.46 19.13 11.27
CA HIS B 32 -20.43 19.00 9.82
C HIS B 32 -21.82 19.31 9.24
N PHE B 33 -21.94 20.45 8.55
CA PHE B 33 -23.27 20.95 8.17
C PHE B 33 -23.95 20.07 7.14
N GLN B 34 -23.18 19.23 6.44
CA GLN B 34 -23.81 18.30 5.51
C GLN B 34 -24.16 16.97 6.21
N ARG B 35 -23.87 16.88 7.50
CA ARG B 35 -24.29 15.73 8.30
C ARG B 35 -25.46 16.08 9.22
N ILE B 36 -25.88 17.34 9.15
CA ILE B 36 -26.97 17.87 9.98
C ILE B 36 -28.09 18.38 9.07
N PRO B 37 -29.35 17.95 9.32
CA PRO B 37 -30.46 18.55 8.55
C PRO B 37 -30.43 20.07 8.70
N ARG B 38 -30.52 20.79 7.58
CA ARG B 38 -30.36 22.24 7.59
C ARG B 38 -31.31 22.94 8.58
N THR B 39 -32.52 22.39 8.74
CA THR B 39 -33.48 22.95 9.69
C THR B 39 -32.95 22.92 11.12
N TYR B 40 -32.08 21.95 11.43
CA TYR B 40 -31.51 21.84 12.76
C TYR B 40 -30.14 22.52 12.90
N TRP B 41 -29.73 23.26 11.88
CA TRP B 41 -28.46 23.99 11.93
C TRP B 41 -28.40 24.94 13.12
N LYS B 42 -29.44 25.76 13.26
CA LYS B 42 -29.50 26.71 14.35
C LYS B 42 -29.43 25.99 15.70
N ASP B 43 -30.23 24.95 15.85
CA ASP B 43 -30.33 24.25 17.13
C ASP B 43 -28.99 23.68 17.61
N ARG B 44 -28.24 23.04 16.71
CA ARG B 44 -26.95 22.47 17.11
C ARG B 44 -25.97 23.61 17.40
N LEU B 45 -26.04 24.69 16.64
CA LEU B 45 -25.20 25.87 16.85
C LEU B 45 -25.45 26.54 18.20
N GLN B 46 -26.73 26.67 18.57
CA GLN B 46 -27.10 27.25 19.85
C GLN B 46 -26.62 26.39 21.00
N LYS B 47 -26.62 25.07 20.80
CA LYS B 47 -26.21 24.14 21.84
C LYS B 47 -24.70 24.24 22.04
N ALA B 48 -23.99 24.52 20.94
CA ALA B 48 -22.56 24.76 21.00
C ALA B 48 -22.28 25.96 21.88
N ARG B 49 -23.06 27.01 21.70
CA ARG B 49 -22.97 28.20 22.55
C ARG B 49 -23.21 27.86 24.01
N ALA B 50 -24.21 27.01 24.25
CA ALA B 50 -24.57 26.63 25.62
C ALA B 50 -23.47 25.82 26.32
N LEU B 51 -22.60 25.15 25.55
CA LEU B 51 -21.44 24.48 26.14
C LEU B 51 -20.40 25.50 26.61
N GLY B 52 -20.44 26.68 25.98
CA GLY B 52 -19.50 27.74 26.30
C GLY B 52 -18.51 27.96 25.15
N LEU B 53 -18.72 27.25 24.05
CA LEU B 53 -17.86 27.35 22.88
C LEU B 53 -18.03 28.73 22.20
N ASN B 54 -16.97 29.22 21.56
CA ASN B 54 -17.03 30.51 20.88
C ASN B 54 -16.75 30.40 19.37
N THR B 55 -16.52 29.17 18.90
CA THR B 55 -16.18 28.93 17.51
C THR B 55 -16.76 27.60 17.03
N VAL B 56 -17.27 27.57 15.79
CA VAL B 56 -17.69 26.31 15.16
C VAL B 56 -16.74 25.93 14.03
N GLU B 57 -16.48 24.63 13.85
CA GLU B 57 -15.61 24.20 12.77
C GLU B 57 -16.33 23.17 11.88
N THR B 58 -16.26 23.38 10.56
CA THR B 58 -16.82 22.40 9.64
C THR B 58 -15.93 22.06 8.45
N TYR B 59 -16.09 20.84 7.94
CA TYR B 59 -15.57 20.48 6.63
C TYR B 59 -16.53 20.93 5.52
N VAL B 60 -16.00 21.03 4.31
CA VAL B 60 -16.84 21.02 3.10
C VAL B 60 -16.52 19.73 2.32
N PHE B 61 -17.55 18.96 1.99
CA PHE B 61 -17.33 17.71 1.24
C PHE B 61 -17.51 17.95 -0.25
N TRP B 62 -16.39 17.87 -0.98
CA TRP B 62 -16.33 18.13 -2.40
C TRP B 62 -17.31 17.26 -3.20
N ASN B 63 -17.43 15.99 -2.84
CA ASN B 63 -18.25 15.11 -3.65
C ASN B 63 -19.74 15.42 -3.52
N LEU B 64 -20.13 16.17 -2.50
CA LEU B 64 -21.53 16.61 -2.43
C LEU B 64 -21.75 17.85 -3.29
N VAL B 65 -20.78 18.76 -3.29
CA VAL B 65 -20.97 20.03 -4.01
C VAL B 65 -20.47 20.00 -5.46
N GLU B 66 -19.88 18.89 -5.90
CA GLU B 66 -19.64 18.73 -7.33
C GLU B 66 -19.92 17.29 -7.76
N PRO B 67 -21.19 16.86 -7.65
CA PRO B 67 -21.59 15.47 -7.94
C PRO B 67 -21.21 15.03 -9.36
N GLN B 68 -21.22 15.96 -10.30
CA GLN B 68 -20.73 15.69 -11.65
C GLN B 68 -19.76 16.80 -12.00
N GLN B 69 -18.74 16.49 -12.79
CA GLN B 69 -17.66 17.46 -13.03
C GLN B 69 -18.18 18.70 -13.72
N GLY B 70 -17.91 19.85 -13.10
CA GLY B 70 -18.37 21.12 -13.64
C GLY B 70 -19.79 21.50 -13.26
N GLN B 71 -20.48 20.63 -12.54
CA GLN B 71 -21.84 20.96 -12.08
C GLN B 71 -21.90 21.12 -10.59
N PHE B 72 -21.68 22.34 -10.11
CA PHE B 72 -21.64 22.59 -8.69
C PHE B 72 -23.04 22.75 -8.08
N ASP B 73 -23.14 22.41 -6.80
CA ASP B 73 -24.40 22.42 -6.08
C ASP B 73 -24.17 22.92 -4.66
N PHE B 74 -24.50 24.20 -4.44
CA PHE B 74 -24.39 24.80 -3.12
C PHE B 74 -25.76 25.18 -2.57
N ASN B 75 -26.78 24.44 -3.00
CA ASN B 75 -28.14 24.65 -2.53
C ASN B 75 -28.51 23.79 -1.32
N ALA B 76 -29.51 24.21 -0.59
CA ALA B 76 -30.10 23.40 0.45
C ALA B 76 -29.11 23.00 1.54
N ASN B 77 -28.97 21.70 1.79
CA ASN B 77 -28.10 21.18 2.83
C ASN B 77 -26.65 21.33 2.40
N ASN B 78 -26.44 21.67 1.17
CA ASN B 78 -25.10 21.98 0.68
C ASN B 78 -24.71 23.45 0.76
N ASP B 79 -25.57 24.25 1.33
CA ASP B 79 -25.43 25.70 1.35
C ASP B 79 -24.44 26.19 2.40
N VAL B 80 -23.15 26.09 2.09
CA VAL B 80 -22.13 26.46 3.07
C VAL B 80 -22.29 27.92 3.54
N ALA B 81 -22.59 28.84 2.62
CA ALA B 81 -22.71 30.26 2.96
C ALA B 81 -23.81 30.51 3.99
N ALA B 82 -24.96 29.86 3.79
CA ALA B 82 -26.06 29.97 4.75
C ALA B 82 -25.62 29.48 6.12
N PHE B 83 -24.95 28.32 6.15
CA PHE B 83 -24.49 27.75 7.40
C PHE B 83 -23.56 28.70 8.13
N VAL B 84 -22.63 29.30 7.37
CA VAL B 84 -21.67 30.25 7.95
C VAL B 84 -22.40 31.46 8.54
N ARG B 85 -23.45 31.91 7.85
CA ARG B 85 -24.21 33.08 8.30
C ARG B 85 -25.05 32.77 9.54
N GLU B 86 -25.59 31.57 9.62
CA GLU B 86 -26.32 31.15 10.82
C GLU B 86 -25.36 31.13 12.02
N ALA B 87 -24.16 30.58 11.82
CA ALA B 87 -23.14 30.55 12.88
C ALA B 87 -22.81 31.96 13.40
N ALA B 88 -22.62 32.91 12.48
CA ALA B 88 -22.36 34.29 12.88
C ALA B 88 -23.52 34.87 13.69
N ALA B 89 -24.75 34.52 13.29
CA ALA B 89 -25.95 35.01 13.97
C ALA B 89 -26.06 34.46 15.38
N GLN B 90 -25.40 33.33 15.64
CA GLN B 90 -25.35 32.75 16.97
C GLN B 90 -24.09 33.21 17.74
N GLY B 91 -23.32 34.10 17.11
CA GLY B 91 -22.17 34.71 17.76
C GLY B 91 -20.93 33.84 17.78
N LEU B 92 -20.77 33.02 16.75
CA LEU B 92 -19.65 32.09 16.65
C LEU B 92 -18.72 32.43 15.49
N ASN B 93 -17.41 32.42 15.74
CA ASN B 93 -16.44 32.41 14.65
C ASN B 93 -16.56 31.11 13.88
N VAL B 94 -16.12 31.09 12.63
CA VAL B 94 -16.10 29.86 11.85
C VAL B 94 -14.68 29.49 11.41
N ILE B 95 -14.32 28.23 11.60
CA ILE B 95 -13.13 27.63 10.99
C ILE B 95 -13.60 26.75 9.84
N LEU B 96 -13.16 27.05 8.62
CA LEU B 96 -13.57 26.31 7.44
C LEU B 96 -12.46 25.39 6.96
N ARG B 97 -12.79 24.13 6.67
CA ARG B 97 -11.78 23.17 6.21
C ARG B 97 -12.29 22.48 4.95
N PRO B 98 -12.00 23.06 3.77
CA PRO B 98 -12.62 22.61 2.52
C PRO B 98 -11.91 21.46 1.86
N GLY B 99 -10.86 20.95 2.46
CA GLY B 99 -10.11 19.86 1.86
C GLY B 99 -9.04 20.35 0.92
N PRO B 100 -9.04 19.98 -0.35
CA PRO B 100 -10.09 19.15 -0.98
C PRO B 100 -10.24 17.77 -0.35
N TYR B 101 -9.19 17.19 0.22
CA TYR B 101 -9.30 16.00 1.04
C TYR B 101 -9.80 16.38 2.41
N ALA B 102 -10.82 15.70 2.89
CA ALA B 102 -11.33 15.92 4.22
C ALA B 102 -11.23 14.76 5.20
N CYS B 103 -11.00 13.54 4.72
CA CYS B 103 -10.96 12.35 5.58
C CYS B 103 -12.38 12.18 6.11
N ALA B 104 -12.58 12.50 7.38
CA ALA B 104 -13.88 12.59 7.99
C ALA B 104 -14.77 11.39 8.02
N GLU B 105 -14.20 10.23 7.88
CA GLU B 105 -15.00 9.05 7.89
C GLU B 105 -16.16 9.21 6.90
N TRP B 106 -15.83 9.74 5.73
CA TRP B 106 -16.78 10.07 4.66
C TRP B 106 -16.32 9.48 3.31
N GLU B 107 -17.24 9.22 2.39
CA GLU B 107 -16.92 8.51 1.17
C GLU B 107 -15.72 9.11 0.46
N ALA B 108 -14.72 8.29 0.24
CA ALA B 108 -13.52 8.68 -0.47
C ALA B 108 -12.86 9.94 0.14
N GLY B 109 -13.12 10.18 1.41
CA GLY B 109 -12.52 11.29 2.09
C GLY B 109 -12.96 12.63 1.49
N GLY B 110 -14.10 12.62 0.81
CA GLY B 110 -14.63 13.81 0.16
C GLY B 110 -14.40 13.87 -1.35
N TYR B 111 -13.51 13.04 -1.88
CA TYR B 111 -13.19 13.08 -3.30
C TYR B 111 -14.35 12.56 -4.16
N PRO B 112 -14.76 13.35 -5.17
CA PRO B 112 -15.78 12.92 -6.13
C PRO B 112 -15.45 11.59 -6.79
N ALA B 113 -16.46 10.74 -6.93
CA ALA B 113 -16.27 9.43 -7.55
C ALA B 113 -15.70 9.54 -8.96
N TRP B 114 -16.06 10.59 -9.71
CA TRP B 114 -15.61 10.66 -11.08
C TRP B 114 -14.09 10.87 -11.24
N LEU B 115 -13.38 11.20 -10.18
CA LEU B 115 -11.93 11.29 -10.27
C LEU B 115 -11.29 9.93 -10.55
N PHE B 116 -12.01 8.86 -10.17
CA PHE B 116 -11.49 7.50 -10.29
C PHE B 116 -11.89 6.82 -11.60
N GLY B 117 -12.36 7.63 -12.55
CA GLY B 117 -12.83 7.13 -13.83
C GLY B 117 -11.72 6.84 -14.82
N LYS B 118 -12.09 6.81 -16.10
CA LYS B 118 -11.23 6.31 -17.16
C LYS B 118 -9.96 7.15 -17.44
N ASP B 119 -9.91 8.39 -16.97
CA ASP B 119 -8.71 9.20 -17.27
C ASP B 119 -7.48 8.78 -16.47
N ASN B 120 -7.63 7.77 -15.59
CA ASN B 120 -6.52 7.28 -14.79
C ASN B 120 -5.79 8.41 -14.07
N ILE B 121 -6.55 9.24 -13.36
CA ILE B 121 -6.00 10.32 -12.55
C ILE B 121 -5.48 9.77 -11.24
N ARG B 122 -4.28 10.20 -10.84
CA ARG B 122 -3.78 9.85 -9.52
C ARG B 122 -4.24 10.93 -8.53
N ILE B 123 -5.19 10.61 -7.67
CA ILE B 123 -5.67 11.62 -6.71
C ILE B 123 -4.61 11.92 -5.65
N ARG B 124 -4.80 13.02 -4.96
CA ARG B 124 -3.92 13.48 -3.92
C ARG B 124 -2.47 13.48 -4.36
N SER B 125 -2.20 13.97 -5.56
CA SER B 125 -0.86 14.01 -6.13
C SER B 125 -0.69 15.23 -7.02
N ARG B 126 0.47 15.33 -7.68
CA ARG B 126 0.72 16.46 -8.57
C ARG B 126 0.38 16.11 -10.02
N ASP B 127 -0.41 15.05 -10.21
CA ASP B 127 -1.11 14.81 -11.48
C ASP B 127 -1.86 16.09 -11.88
N PRO B 128 -1.59 16.61 -13.03
CA PRO B 128 -2.13 17.92 -13.41
C PRO B 128 -3.64 17.98 -13.43
N ARG B 129 -4.29 16.87 -13.77
CA ARG B 129 -5.72 16.82 -13.72
C ARG B 129 -6.26 16.99 -12.32
N PHE B 130 -5.63 16.35 -11.36
CA PHE B 130 -6.07 16.47 -10.00
C PHE B 130 -5.83 17.87 -9.49
N LEU B 131 -4.67 18.42 -9.82
CA LEU B 131 -4.42 19.81 -9.42
C LEU B 131 -5.45 20.76 -10.04
N ALA B 132 -5.76 20.55 -11.32
CA ALA B 132 -6.69 21.43 -12.02
C ALA B 132 -8.10 21.31 -11.43
N ALA B 133 -8.52 20.09 -11.11
CA ALA B 133 -9.84 19.89 -10.55
C ALA B 133 -9.91 20.47 -9.14
N SER B 134 -8.81 20.36 -8.39
CA SER B 134 -8.74 20.96 -7.06
C SER B 134 -8.93 22.46 -7.14
N GLN B 135 -8.28 23.09 -8.11
CA GLN B 135 -8.39 24.55 -8.25
C GLN B 135 -9.84 24.97 -8.54
N SER B 136 -10.48 24.31 -9.49
CA SER B 136 -11.86 24.64 -9.84
C SER B 136 -12.79 24.55 -8.64
N TYR B 137 -12.63 23.50 -7.85
CA TYR B 137 -13.45 23.29 -6.67
C TYR B 137 -13.19 24.33 -5.59
N LEU B 138 -11.90 24.57 -5.32
CA LEU B 138 -11.49 25.62 -4.40
C LEU B 138 -12.01 27.00 -4.80
N ASP B 139 -11.95 27.33 -6.08
CA ASP B 139 -12.54 28.58 -6.58
C ASP B 139 -14.03 28.69 -6.27
N ALA B 140 -14.74 27.59 -6.47
CA ALA B 140 -16.18 27.54 -6.28
C ALA B 140 -16.59 27.73 -4.83
N VAL B 141 -15.89 27.07 -3.90
CA VAL B 141 -16.21 27.26 -2.49
C VAL B 141 -15.91 28.70 -2.07
N ALA B 142 -14.77 29.20 -2.53
CA ALA B 142 -14.33 30.55 -2.18
C ALA B 142 -15.33 31.61 -2.64
N GLN B 143 -15.90 31.41 -3.82
CA GLN B 143 -16.93 32.32 -4.32
C GLN B 143 -18.13 32.35 -3.39
N GLN B 144 -18.52 31.19 -2.89
CA GLN B 144 -19.65 31.08 -1.97
C GLN B 144 -19.49 31.86 -0.66
N VAL B 145 -18.25 31.94 -0.15
CA VAL B 145 -18.01 32.49 1.17
C VAL B 145 -17.04 33.66 1.19
N ARG B 146 -16.71 34.20 0.02
CA ARG B 146 -15.68 35.25 -0.08
C ARG B 146 -15.90 36.46 0.87
N PRO B 147 -17.13 37.00 0.93
CA PRO B 147 -17.30 38.13 1.84
C PRO B 147 -17.32 37.71 3.31
N LEU B 148 -17.42 36.41 3.57
CA LEU B 148 -17.49 35.91 4.94
C LEU B 148 -16.10 35.61 5.49
N LEU B 149 -15.08 35.83 4.66
CA LEU B 149 -13.70 35.67 5.11
C LEU B 149 -13.31 36.85 5.99
N ASN B 150 -12.52 36.60 7.02
CA ASN B 150 -12.26 37.60 8.06
C ASN B 150 -11.55 38.86 7.57
N HIS B 151 -10.62 38.71 6.62
CA HIS B 151 -9.95 39.90 6.05
C HIS B 151 -10.94 40.76 5.27
N ASN B 152 -12.17 40.28 5.11
CA ASN B 152 -13.21 41.06 4.43
C ASN B 152 -14.36 41.40 5.37
N GLY B 153 -14.17 41.12 6.66
CA GLY B 153 -15.14 41.49 7.68
C GLY B 153 -16.09 40.39 8.11
N GLY B 154 -15.85 39.17 7.64
CA GLY B 154 -16.70 38.03 7.98
C GLY B 154 -16.18 37.20 9.14
N PRO B 155 -16.99 36.21 9.58
CA PRO B 155 -16.68 35.42 10.78
C PRO B 155 -15.75 34.23 10.54
N ILE B 156 -15.44 33.89 9.29
CA ILE B 156 -14.52 32.79 9.02
C ILE B 156 -13.08 33.21 9.35
N ILE B 157 -12.63 32.85 10.55
CA ILE B 157 -11.36 33.34 11.07
C ILE B 157 -10.16 32.52 10.56
N ALA B 158 -10.40 31.28 10.14
CA ALA B 158 -9.31 30.42 9.69
C ALA B 158 -9.76 29.41 8.65
N VAL B 159 -8.85 29.04 7.75
CA VAL B 159 -9.12 28.03 6.73
C VAL B 159 -8.00 27.00 6.68
N GLN B 160 -8.33 25.73 6.84
CA GLN B 160 -7.32 24.66 6.78
C GLN B 160 -6.97 24.31 5.38
N VAL B 161 -5.70 24.07 5.12
CA VAL B 161 -5.26 23.60 3.84
C VAL B 161 -4.99 22.07 3.89
N GLU B 162 -5.70 21.31 3.10
CA GLU B 162 -5.57 19.89 3.10
C GLU B 162 -6.01 19.39 4.44
N ASN B 163 -5.60 18.17 4.77
CA ASN B 163 -5.97 17.56 6.03
C ASN B 163 -5.04 16.42 6.43
N GLU B 164 -4.16 16.63 7.37
CA GLU B 164 -3.27 15.57 7.84
C GLU B 164 -2.51 14.95 6.70
N TYR B 165 -2.00 15.77 5.79
CA TYR B 165 -1.23 15.24 4.66
C TYR B 165 0.02 14.47 5.13
N GLY B 166 0.58 14.88 6.27
CA GLY B 166 1.75 14.22 6.80
C GLY B 166 1.57 12.74 7.14
N SER B 167 0.32 12.31 7.27
CA SER B 167 0.03 10.89 7.47
C SER B 167 -0.10 10.14 6.15
N TYR B 168 0.06 10.85 5.03
CA TYR B 168 -0.15 10.21 3.74
C TYR B 168 1.14 10.12 2.92
N ASP B 169 1.87 11.23 2.87
CA ASP B 169 3.09 11.33 2.06
C ASP B 169 3.91 12.55 2.54
N ASP B 170 5.03 12.84 1.90
CA ASP B 170 5.86 13.96 2.37
C ASP B 170 6.36 14.79 1.20
N ASP B 171 5.56 14.87 0.14
CA ASP B 171 5.90 15.67 -1.01
C ASP B 171 5.60 17.14 -0.70
N HIS B 172 6.62 17.88 -0.30
CA HIS B 172 6.42 19.27 0.06
C HIS B 172 5.97 20.13 -1.11
N ALA B 173 6.34 19.76 -2.32
CA ALA B 173 5.91 20.53 -3.48
C ALA B 173 4.40 20.39 -3.68
N TYR B 174 3.83 19.25 -3.27
CA TYR B 174 2.39 19.06 -3.35
C TYR B 174 1.67 19.94 -2.35
N MET B 175 2.15 20.01 -1.14
CA MET B 175 1.51 20.88 -0.15
C MET B 175 1.66 22.36 -0.51
N ALA B 176 2.82 22.71 -1.08
CA ALA B 176 3.03 24.08 -1.54
C ALA B 176 2.06 24.40 -2.68
N ASP B 177 1.79 23.43 -3.54
CA ASP B 177 0.79 23.60 -4.59
C ASP B 177 -0.57 23.88 -3.99
N ASN B 178 -0.98 23.06 -3.01
CA ASN B 178 -2.27 23.31 -2.37
C ASN B 178 -2.40 24.68 -1.68
N ARG B 179 -1.39 25.10 -0.92
CA ARG B 179 -1.47 26.45 -0.35
C ARG B 179 -1.60 27.50 -1.45
N ALA B 180 -0.80 27.37 -2.51
CA ALA B 180 -0.87 28.30 -3.64
C ALA B 180 -2.27 28.34 -4.25
N MET B 181 -2.88 27.17 -4.44
CA MET B 181 -4.24 27.12 -4.98
C MET B 181 -5.22 27.80 -4.04
N PHE B 182 -5.00 27.68 -2.74
CA PHE B 182 -5.88 28.30 -1.76
C PHE B 182 -5.72 29.83 -1.85
N VAL B 183 -4.49 30.27 -2.10
CA VAL B 183 -4.21 31.71 -2.17
C VAL B 183 -4.88 32.31 -3.40
N LYS B 184 -4.76 31.62 -4.53
CA LYS B 184 -5.38 32.09 -5.77
C LYS B 184 -6.91 32.15 -5.66
N ALA B 185 -7.50 31.14 -5.03
CA ALA B 185 -8.94 31.14 -4.80
C ALA B 185 -9.38 32.24 -3.81
N GLY B 186 -8.42 32.83 -3.11
CA GLY B 186 -8.70 33.95 -2.23
C GLY B 186 -8.92 33.57 -0.77
N PHE B 187 -8.57 32.34 -0.41
CA PHE B 187 -8.70 31.93 0.99
C PHE B 187 -7.62 32.55 1.89
N ASP B 188 -6.69 33.30 1.29
CA ASP B 188 -5.69 34.02 2.06
C ASP B 188 -6.32 35.21 2.80
N LYS B 189 -7.59 35.47 2.50
CA LYS B 189 -8.36 36.47 3.24
C LYS B 189 -8.81 35.93 4.59
N ALA B 190 -8.23 34.78 4.98
CA ALA B 190 -8.36 34.27 6.35
C ALA B 190 -7.03 33.70 6.80
N LEU B 191 -6.98 33.25 8.04
CA LEU B 191 -5.77 32.63 8.56
C LEU B 191 -5.66 31.20 8.03
N LEU B 192 -4.61 30.93 7.25
CA LEU B 192 -4.34 29.58 6.73
C LEU B 192 -3.57 28.73 7.72
N PHE B 193 -3.83 27.43 7.73
CA PHE B 193 -3.13 26.52 8.62
C PHE B 193 -3.26 25.07 8.12
N THR B 194 -2.42 24.20 8.67
CA THR B 194 -2.49 22.76 8.39
C THR B 194 -2.71 22.01 9.71
N SER B 195 -3.25 20.79 9.64
CA SER B 195 -3.34 19.96 10.84
C SER B 195 -2.69 18.63 10.55
N ASP B 196 -1.97 18.10 11.54
CA ASP B 196 -1.34 16.79 11.44
C ASP B 196 -1.26 16.12 12.81
N GLY B 197 -1.09 14.80 12.80
CA GLY B 197 -0.71 14.10 14.01
C GLY B 197 0.64 14.62 14.50
N ALA B 198 0.92 14.44 15.78
CA ALA B 198 2.12 15.01 16.39
C ALA B 198 3.43 14.51 15.76
N ASP B 199 3.46 13.24 15.35
CA ASP B 199 4.67 12.64 14.77
C ASP B 199 4.84 12.96 13.31
N MET B 200 3.82 13.55 12.70
CA MET B 200 3.79 13.68 11.24
C MET B 200 4.04 15.11 10.78
N LEU B 201 4.42 15.98 11.72
CA LEU B 201 4.53 17.42 11.42
C LEU B 201 5.58 17.73 10.35
N ALA B 202 6.72 17.05 10.39
CA ALA B 202 7.77 17.29 9.40
C ALA B 202 7.26 16.97 8.00
N ASN B 203 6.41 15.96 7.91
CA ASN B 203 5.83 15.52 6.64
C ASN B 203 4.77 16.48 6.07
N GLY B 204 3.91 17.03 6.93
CA GLY B 204 2.67 17.63 6.46
C GLY B 204 2.56 19.14 6.42
N THR B 205 3.52 19.82 7.01
CA THR B 205 3.47 21.27 7.14
C THR B 205 4.21 22.03 6.03
N LEU B 206 4.15 23.35 6.10
CA LEU B 206 4.87 24.23 5.19
C LEU B 206 5.53 25.35 5.99
N PRO B 207 6.80 25.68 5.69
CA PRO B 207 7.31 26.85 6.41
C PRO B 207 6.49 28.08 6.05
N GLY B 208 6.17 28.91 7.06
CA GLY B 208 5.41 30.12 6.84
C GLY B 208 3.94 29.95 7.11
N THR B 209 3.49 28.70 7.25
CA THR B 209 2.10 28.42 7.51
C THR B 209 1.90 27.78 8.89
N LEU B 210 1.01 28.38 9.69
CA LEU B 210 0.65 27.86 11.00
C LEU B 210 0.27 26.37 10.98
N ALA B 211 0.79 25.62 11.94
CA ALA B 211 0.43 24.20 12.04
C ALA B 211 -0.27 23.91 13.37
N VAL B 212 -1.31 23.09 13.31
CA VAL B 212 -1.95 22.63 14.55
C VAL B 212 -1.89 21.10 14.62
N VAL B 213 -2.14 20.56 15.81
CA VAL B 213 -1.92 19.14 16.05
C VAL B 213 -3.23 18.42 16.40
N ASN B 214 -3.39 17.20 15.90
CA ASN B 214 -4.56 16.38 16.20
C ASN B 214 -4.14 15.18 17.05
N PHE B 215 -4.90 14.85 18.10
CA PHE B 215 -4.53 13.71 18.93
C PHE B 215 -5.68 13.14 19.74
N ALA B 216 -5.44 11.96 20.33
CA ALA B 216 -6.45 11.23 21.11
C ALA B 216 -6.37 11.53 22.62
N PRO B 217 -7.46 11.25 23.35
CA PRO B 217 -7.47 11.38 24.82
C PRO B 217 -6.31 10.64 25.47
N GLY B 218 -5.60 11.35 26.33
CA GLY B 218 -4.41 10.82 26.99
C GLY B 218 -3.09 11.28 26.38
N GLU B 219 -3.16 11.88 25.19
CA GLU B 219 -1.95 12.21 24.44
C GLU B 219 -1.61 13.70 24.50
N ALA B 220 -2.33 14.45 25.32
CA ALA B 220 -2.25 15.91 25.27
C ALA B 220 -0.89 16.47 25.69
N LYS B 221 -0.34 16.00 26.81
CA LYS B 221 0.97 16.46 27.26
C LYS B 221 2.06 16.13 26.21
N SER B 222 2.13 14.87 25.79
CA SER B 222 3.12 14.45 24.80
C SER B 222 2.98 15.16 23.44
N ALA B 223 1.76 15.25 22.91
CA ALA B 223 1.54 15.86 21.61
C ALA B 223 1.82 17.38 21.60
N PHE B 224 1.44 18.11 22.64
CA PHE B 224 1.75 19.53 22.66
C PHE B 224 3.27 19.76 22.83
N ASP B 225 3.92 18.88 23.60
CA ASP B 225 5.37 18.99 23.73
C ASP B 225 6.00 18.86 22.34
N LYS B 226 5.47 17.92 21.55
CA LYS B 226 5.95 17.70 20.19
C LYS B 226 5.71 18.91 19.30
N LEU B 227 4.52 19.48 19.38
CA LEU B 227 4.14 20.65 18.59
C LEU B 227 5.00 21.86 18.94
N ILE B 228 5.15 22.12 20.23
CA ILE B 228 5.96 23.26 20.67
C ILE B 228 7.42 23.10 20.24
N LYS B 229 7.95 21.89 20.39
CA LYS B 229 9.32 21.61 19.96
C LYS B 229 9.51 21.89 18.46
N PHE B 230 8.54 21.46 17.66
CA PHE B 230 8.57 21.69 16.22
C PHE B 230 8.28 23.15 15.84
N GLN B 231 7.43 23.80 16.64
CA GLN B 231 6.89 25.12 16.33
C GLN B 231 6.84 26.01 17.58
N PRO B 232 8.00 26.48 18.05
CA PRO B 232 8.08 27.18 19.34
C PRO B 232 7.51 28.60 19.39
N ASP B 233 7.41 29.30 18.25
CA ASP B 233 7.05 30.71 18.30
C ASP B 233 5.62 31.02 17.86
N GLN B 234 4.84 29.99 17.56
CA GLN B 234 3.47 30.18 17.06
C GLN B 234 2.42 29.76 18.08
N PRO B 235 1.16 30.19 17.88
CA PRO B 235 0.11 29.77 18.82
C PRO B 235 -0.05 28.25 18.87
N ARG B 236 -0.58 27.76 19.99
CA ARG B 236 -0.72 26.33 20.22
C ARG B 236 -2.20 25.94 20.15
N MET B 237 -2.55 25.01 19.26
CA MET B 237 -3.94 24.62 19.17
C MET B 237 -4.07 23.15 18.79
N VAL B 238 -5.03 22.47 19.40
CA VAL B 238 -5.34 21.12 18.96
C VAL B 238 -6.51 21.23 17.99
N GLY B 239 -6.22 20.98 16.71
CA GLY B 239 -7.21 21.13 15.66
C GLY B 239 -8.27 20.06 15.70
N GLU B 240 -7.92 18.90 16.24
CA GLU B 240 -8.90 17.84 16.46
C GLU B 240 -8.60 17.13 17.76
N TYR B 241 -9.44 17.35 18.78
CA TYR B 241 -9.36 16.55 20.01
C TYR B 241 -10.46 15.51 19.96
N TRP B 242 -10.09 14.25 19.75
CA TRP B 242 -11.07 13.19 19.47
C TRP B 242 -11.82 12.76 20.74
N ALA B 243 -12.86 13.53 21.08
CA ALA B 243 -13.67 13.29 22.26
C ALA B 243 -14.83 12.35 21.94
N GLY B 244 -14.48 11.09 21.69
CA GLY B 244 -15.41 10.09 21.19
C GLY B 244 -14.69 9.30 20.11
N TRP B 245 -15.43 8.46 19.39
CA TRP B 245 -14.87 7.71 18.27
C TRP B 245 -15.98 7.14 17.39
N PHE B 246 -15.62 6.74 16.17
CA PHE B 246 -16.61 6.27 15.22
C PHE B 246 -16.71 4.74 15.20
N ASP B 247 -17.72 4.22 14.51
CA ASP B 247 -18.04 2.79 14.51
C ASP B 247 -17.78 2.11 13.17
N HIS B 248 -17.51 0.81 13.21
CA HIS B 248 -17.46 -0.01 12.02
C HIS B 248 -18.54 -1.05 12.11
N TRP B 249 -19.13 -1.41 10.98
CA TRP B 249 -20.07 -2.52 10.94
C TRP B 249 -19.38 -3.77 11.49
N GLY B 250 -20.03 -4.48 12.41
CA GLY B 250 -19.50 -5.74 12.87
C GLY B 250 -18.57 -5.67 14.07
N THR B 251 -18.35 -4.46 14.59
CA THR B 251 -17.64 -4.29 15.88
C THR B 251 -18.50 -3.44 16.83
N PRO B 252 -18.30 -3.59 18.16
CA PRO B 252 -19.23 -2.95 19.09
C PRO B 252 -19.25 -1.41 19.01
N HIS B 253 -20.37 -0.81 19.38
CA HIS B 253 -20.52 0.64 19.40
C HIS B 253 -19.48 1.23 20.36
N ALA B 254 -18.79 2.26 19.90
CA ALA B 254 -17.77 2.96 20.69
C ALA B 254 -18.32 3.49 22.01
N SER B 255 -17.53 3.33 23.08
CA SER B 255 -17.88 3.93 24.36
C SER B 255 -16.61 4.42 25.07
N THR B 256 -16.39 5.72 24.95
CA THR B 256 -15.12 6.33 25.34
C THR B 256 -15.24 6.96 26.72
N ASN B 257 -14.10 7.33 27.30
CA ASN B 257 -14.04 7.75 28.71
C ASN B 257 -14.37 9.23 28.89
N ALA B 258 -15.56 9.50 29.43
CA ALA B 258 -16.03 10.87 29.60
C ALA B 258 -15.19 11.66 30.60
N LYS B 259 -14.76 11.00 31.67
CA LYS B 259 -14.04 11.66 32.77
C LYS B 259 -12.62 12.02 32.32
N GLN B 260 -12.01 11.11 31.57
CA GLN B 260 -10.68 11.32 30.98
C GLN B 260 -10.65 12.51 30.04
N GLN B 261 -11.60 12.55 29.11
CA GLN B 261 -11.67 13.66 28.15
C GLN B 261 -11.95 14.99 28.83
N THR B 262 -12.83 14.96 29.85
CA THR B 262 -13.22 16.14 30.60
C THR B 262 -12.02 16.75 31.33
N GLU B 263 -11.31 15.92 32.08
CA GLU B 263 -10.19 16.39 32.89
C GLU B 263 -9.02 16.80 32.01
N GLU B 264 -8.80 16.08 30.91
CA GLU B 264 -7.69 16.44 30.02
C GLU B 264 -8.01 17.72 29.25
N LEU B 265 -9.28 17.92 28.91
CA LEU B 265 -9.70 19.18 28.30
C LEU B 265 -9.40 20.36 29.24
N GLU B 266 -9.65 20.19 30.54
CA GLU B 266 -9.42 21.29 31.49
C GLU B 266 -7.92 21.56 31.62
N TRP B 267 -7.11 20.50 31.52
CA TRP B 267 -5.66 20.69 31.57
C TRP B 267 -5.17 21.44 30.33
N ILE B 268 -5.64 21.03 29.15
CA ILE B 268 -5.32 21.69 27.90
C ILE B 268 -5.61 23.19 27.92
N LEU B 269 -6.83 23.54 28.35
CA LEU B 269 -7.26 24.93 28.35
C LEU B 269 -6.49 25.80 29.36
N ARG B 270 -6.14 25.22 30.50
CA ARG B 270 -5.42 25.98 31.53
C ARG B 270 -3.97 26.22 31.14
N GLN B 271 -3.49 25.44 30.16
CA GLN B 271 -2.18 25.70 29.55
C GLN B 271 -2.22 26.97 28.68
N GLY B 272 -3.42 27.43 28.35
CA GLY B 272 -3.59 28.53 27.41
C GLY B 272 -3.78 28.07 25.98
N HIS B 273 -3.77 26.75 25.78
CA HIS B 273 -3.87 26.21 24.43
C HIS B 273 -5.30 26.33 23.92
N SER B 274 -5.45 26.55 22.61
CA SER B 274 -6.75 26.55 21.97
C SER B 274 -7.13 25.13 21.57
N ALA B 275 -8.39 24.91 21.26
CA ALA B 275 -8.85 23.55 21.03
C ALA B 275 -10.08 23.52 20.13
N ASN B 276 -10.25 22.40 19.43
CA ASN B 276 -11.46 22.14 18.68
C ASN B 276 -11.93 20.72 19.01
N LEU B 277 -13.15 20.59 19.53
CA LEU B 277 -13.65 19.29 19.98
C LEU B 277 -14.26 18.51 18.80
N TYR B 278 -13.70 17.32 18.52
CA TYR B 278 -14.11 16.51 17.37
C TYR B 278 -14.63 15.15 17.83
N MET B 279 -15.94 14.88 17.69
CA MET B 279 -16.94 15.82 17.19
C MET B 279 -17.69 16.49 18.34
N PHE B 280 -18.23 17.67 18.10
CA PHE B 280 -19.15 18.27 19.06
C PHE B 280 -20.47 17.52 18.96
N ILE B 281 -20.97 17.40 17.73
CA ILE B 281 -22.02 16.45 17.40
C ILE B 281 -21.63 15.80 16.07
N GLY B 282 -21.76 14.48 16.01
CA GLY B 282 -21.43 13.77 14.79
C GLY B 282 -22.55 13.82 13.75
N GLY B 283 -23.79 13.61 14.20
CA GLY B 283 -24.89 13.50 13.26
C GLY B 283 -24.84 12.19 12.47
N THR B 284 -25.10 12.28 11.17
CA THR B 284 -25.37 11.11 10.32
C THR B 284 -24.67 11.26 8.97
N SER B 285 -24.13 10.16 8.42
CA SER B 285 -23.78 10.13 7.01
C SER B 285 -24.97 9.53 6.22
N PHE B 286 -25.89 10.37 5.77
CA PHE B 286 -27.10 9.88 5.08
C PHE B 286 -26.78 9.20 3.74
N GLY B 287 -27.69 8.37 3.26
CA GLY B 287 -27.52 7.72 1.97
C GLY B 287 -26.28 6.82 1.94
N PHE B 288 -25.49 6.96 0.87
CA PHE B 288 -24.33 6.10 0.65
C PHE B 288 -23.00 6.76 1.04
N MET B 289 -23.05 7.78 1.89
CA MET B 289 -21.88 8.67 2.00
C MET B 289 -20.86 8.35 3.11
N ASN B 290 -21.09 7.26 3.83
CA ASN B 290 -20.12 6.76 4.81
C ASN B 290 -18.79 6.47 4.17
N GLY B 291 -17.73 6.44 4.98
CA GLY B 291 -16.42 6.03 4.50
C GLY B 291 -16.04 4.63 4.97
N ALA B 292 -14.75 4.35 4.95
CA ALA B 292 -14.23 3.00 5.25
C ALA B 292 -12.76 3.08 5.50
N ASN B 293 -12.23 2.15 6.29
CA ASN B 293 -10.81 2.10 6.56
C ASN B 293 -10.15 0.87 5.95
N PHE B 294 -8.87 0.97 5.64
CA PHE B 294 -8.06 -0.16 5.26
C PHE B 294 -6.65 0.20 5.70
N GLN B 295 -6.35 -0.10 6.93
CA GLN B 295 -5.06 0.25 7.52
C GLN B 295 -3.91 -0.64 7.04
N GLY B 296 -2.70 -0.24 7.41
CA GLY B 296 -1.51 -0.76 6.82
C GLY B 296 -0.79 -1.97 7.41
N ASN B 297 -1.25 -2.49 8.52
CA ASN B 297 -0.63 -3.69 9.07
C ASN B 297 -1.10 -4.95 8.32
N PRO B 298 -0.30 -6.04 8.36
CA PRO B 298 -0.73 -7.23 7.61
C PRO B 298 -2.08 -7.81 8.05
N SER B 299 -2.48 -7.62 9.29
CA SER B 299 -3.74 -8.17 9.76
C SER B 299 -4.92 -7.21 9.59
N ASP B 300 -4.67 -6.05 8.97
CA ASP B 300 -5.74 -5.07 8.68
C ASP B 300 -6.46 -5.36 7.36
N HIS B 301 -7.78 -5.11 7.36
CA HIS B 301 -8.59 -5.35 6.15
C HIS B 301 -9.66 -4.27 5.99
N TYR B 302 -10.33 -4.30 4.84
CA TYR B 302 -11.37 -3.33 4.51
C TYR B 302 -12.39 -3.33 5.64
N ALA B 303 -12.71 -2.14 6.17
CA ALA B 303 -13.59 -2.02 7.32
C ALA B 303 -14.58 -0.87 7.10
N PRO B 304 -15.83 -1.17 6.66
CA PRO B 304 -16.71 -0.04 6.33
C PRO B 304 -17.31 0.57 7.58
N GLN B 305 -17.53 1.89 7.57
CA GLN B 305 -18.11 2.60 8.70
C GLN B 305 -19.63 2.63 8.67
N THR B 306 -20.24 2.81 9.84
CA THR B 306 -21.70 2.78 9.95
C THR B 306 -22.33 4.06 9.39
N THR B 307 -23.65 4.01 9.16
CA THR B 307 -24.39 5.18 8.72
C THR B 307 -24.43 6.25 9.83
N SER B 308 -24.71 5.84 11.06
CA SER B 308 -24.68 6.79 12.19
C SER B 308 -23.26 7.30 12.44
N TYR B 309 -23.16 8.59 12.73
CA TYR B 309 -21.89 9.19 13.08
C TYR B 309 -22.00 9.76 14.49
N ASP B 310 -22.84 9.11 15.30
CA ASP B 310 -23.04 9.50 16.71
C ASP B 310 -21.71 9.78 17.41
N TYR B 311 -20.70 8.98 17.10
CA TYR B 311 -19.33 9.25 17.56
C TYR B 311 -19.17 9.23 19.09
N ASP B 312 -20.19 8.76 19.83
CA ASP B 312 -20.19 8.88 21.29
C ASP B 312 -19.86 10.33 21.68
N ALA B 313 -20.33 11.27 20.85
CA ALA B 313 -19.96 12.68 21.00
C ALA B 313 -20.72 13.37 22.14
N ILE B 314 -20.41 14.66 22.34
CA ILE B 314 -21.05 15.47 23.38
C ILE B 314 -22.57 15.55 23.22
N LEU B 315 -23.01 15.72 21.97
CA LEU B 315 -24.41 15.53 21.59
C LEU B 315 -24.56 14.20 20.87
N ASP B 316 -25.67 13.49 21.06
CA ASP B 316 -25.85 12.24 20.32
C ASP B 316 -26.26 12.56 18.89
N GLU B 317 -26.42 11.53 18.06
CA GLU B 317 -26.75 11.73 16.65
C GLU B 317 -27.95 12.66 16.46
N ALA B 318 -28.94 12.53 17.35
CA ALA B 318 -30.16 13.31 17.27
C ALA B 318 -30.05 14.68 17.96
N GLY B 319 -28.86 15.04 18.42
CA GLY B 319 -28.64 16.34 19.01
C GLY B 319 -28.92 16.48 20.51
N ARG B 320 -29.26 15.38 21.16
CA ARG B 320 -29.55 15.40 22.59
C ARG B 320 -28.28 15.45 23.44
N PRO B 321 -28.22 16.36 24.43
CA PRO B 321 -27.05 16.44 25.30
C PRO B 321 -26.79 15.18 26.11
N THR B 322 -25.56 14.68 26.06
CA THR B 322 -25.12 13.51 26.82
C THR B 322 -24.47 13.97 28.12
N PRO B 323 -24.21 13.05 29.07
CA PRO B 323 -23.61 13.48 30.35
C PRO B 323 -22.29 14.24 30.17
N LYS B 324 -21.61 13.97 29.06
CA LYS B 324 -20.34 14.62 28.76
C LYS B 324 -20.55 16.11 28.49
N PHE B 325 -21.77 16.47 28.08
CA PHE B 325 -22.09 17.86 27.84
C PHE B 325 -21.95 18.71 29.10
N ALA B 326 -22.55 18.27 30.20
CA ALA B 326 -22.46 19.03 31.45
C ALA B 326 -21.05 18.96 32.04
N LEU B 327 -20.40 17.82 31.89
CA LEU B 327 -19.03 17.66 32.37
C LEU B 327 -18.11 18.69 31.73
N MET B 328 -18.21 18.83 30.42
CA MET B 328 -17.33 19.75 29.70
C MET B 328 -17.80 21.19 29.75
N ARG B 329 -19.12 21.40 29.86
CA ARG B 329 -19.62 22.76 29.97
C ARG B 329 -19.04 23.39 31.22
N ASP B 330 -19.11 22.65 32.32
CA ASP B 330 -18.61 23.12 33.61
C ASP B 330 -17.12 23.39 33.59
N VAL B 331 -16.38 22.64 32.78
CA VAL B 331 -14.95 22.87 32.60
C VAL B 331 -14.71 24.25 31.98
N ILE B 332 -15.37 24.49 30.85
CA ILE B 332 -15.25 25.75 30.13
C ILE B 332 -15.73 26.93 30.98
N THR B 333 -16.78 26.72 31.76
CA THR B 333 -17.28 27.75 32.67
C THR B 333 -16.21 28.12 33.71
N ARG B 334 -15.64 27.13 34.39
CA ARG B 334 -14.57 27.38 35.37
C ARG B 334 -13.39 28.14 34.76
N VAL B 335 -13.03 27.76 33.54
CA VAL B 335 -11.84 28.31 32.89
C VAL B 335 -12.02 29.76 32.41
N THR B 336 -13.13 30.04 31.74
CA THR B 336 -13.38 31.37 31.18
C THR B 336 -13.95 32.35 32.20
N GLY B 337 -14.72 31.83 33.15
CA GLY B 337 -15.38 32.66 34.15
C GLY B 337 -16.73 33.19 33.67
N VAL B 338 -17.14 32.76 32.47
CA VAL B 338 -18.37 33.26 31.85
C VAL B 338 -19.52 32.24 31.91
N GLN B 339 -20.71 32.71 32.31
CA GLN B 339 -21.89 31.86 32.33
C GLN B 339 -22.52 31.74 30.94
N PRO B 340 -22.52 30.52 30.39
CA PRO B 340 -22.98 30.35 29.01
C PRO B 340 -24.49 30.55 28.88
N PRO B 341 -24.97 30.85 27.67
CA PRO B 341 -26.42 30.91 27.43
C PRO B 341 -27.07 29.54 27.64
N ALA B 342 -28.39 29.53 27.79
CA ALA B 342 -29.12 28.30 28.10
C ALA B 342 -29.28 27.39 26.88
N LEU B 343 -29.62 26.14 27.13
CA LEU B 343 -30.04 25.22 26.09
C LEU B 343 -31.40 25.64 25.53
N PRO B 344 -31.60 25.48 24.22
CA PRO B 344 -32.95 25.75 23.70
C PRO B 344 -33.95 24.69 24.17
N ALA B 345 -35.21 24.87 23.82
CA ALA B 345 -36.22 23.87 24.15
C ALA B 345 -35.89 22.55 23.45
N PRO B 346 -35.78 21.46 24.23
CA PRO B 346 -35.43 20.11 23.75
C PRO B 346 -36.32 19.59 22.61
N ILE B 347 -35.71 19.11 21.54
CA ILE B 347 -36.47 18.59 20.41
C ILE B 347 -37.20 17.29 20.78
N ALA B 348 -38.50 17.24 20.51
CA ALA B 348 -39.31 16.06 20.82
C ALA B 348 -38.87 14.84 20.01
N MET B 349 -38.91 13.67 20.67
CA MET B 349 -38.68 12.39 20.00
C MET B 349 -39.96 11.57 20.05
N ALA B 350 -40.34 10.96 18.94
CA ALA B 350 -41.59 10.20 18.91
C ALA B 350 -41.39 8.71 18.65
N ALA B 351 -42.25 7.91 19.27
CA ALA B 351 -42.33 6.50 18.95
C ALA B 351 -43.56 6.28 18.07
N LEU B 352 -43.46 5.34 17.13
CA LEU B 352 -44.53 5.10 16.18
C LEU B 352 -44.83 3.61 16.09
N LYS B 353 -46.13 3.28 15.95
CA LYS B 353 -46.56 1.89 15.96
C LYS B 353 -45.98 1.12 14.78
N ASP B 354 -45.87 -0.19 14.96
CA ASP B 354 -45.40 -1.07 13.89
C ASP B 354 -46.20 -0.86 12.62
N ALA B 355 -45.49 -0.78 11.49
CA ALA B 355 -46.10 -0.53 10.20
C ALA B 355 -45.64 -1.60 9.20
N PRO B 356 -46.54 -2.51 8.84
CA PRO B 356 -46.16 -3.56 7.90
C PRO B 356 -45.82 -2.98 6.54
N LEU B 357 -44.84 -3.57 5.85
CA LEU B 357 -44.52 -3.16 4.50
C LEU B 357 -44.82 -4.34 3.57
N ARG B 358 -46.08 -4.49 3.19
CA ARG B 358 -46.53 -5.74 2.56
C ARG B 358 -46.30 -5.84 1.05
N GLU B 359 -45.95 -4.73 0.38
CA GLU B 359 -45.65 -4.80 -1.05
C GLU B 359 -44.19 -5.15 -1.29
N SER B 360 -43.94 -6.06 -2.23
CA SER B 360 -42.57 -6.45 -2.60
C SER B 360 -42.32 -6.24 -4.09
N ALA B 361 -41.06 -5.97 -4.45
CA ALA B 361 -40.65 -5.81 -5.85
C ALA B 361 -39.24 -6.36 -6.05
N SER B 362 -39.10 -7.33 -6.94
CA SER B 362 -37.80 -7.96 -7.22
C SER B 362 -36.84 -7.00 -7.90
N LEU B 363 -35.58 -6.99 -7.44
CA LEU B 363 -34.57 -6.18 -8.09
C LEU B 363 -34.44 -6.57 -9.56
N TRP B 364 -34.70 -7.84 -9.85
CA TRP B 364 -34.50 -8.38 -11.20
C TRP B 364 -35.47 -7.72 -12.19
N ASP B 365 -36.56 -7.19 -11.67
CA ASP B 365 -37.51 -6.46 -12.50
C ASP B 365 -37.20 -4.96 -12.56
N ASN B 366 -36.05 -4.56 -12.02
CA ASN B 366 -35.74 -3.14 -11.95
C ASN B 366 -34.36 -2.76 -12.49
N LEU B 367 -33.93 -3.43 -13.55
CA LEU B 367 -32.65 -3.11 -14.18
C LEU B 367 -32.79 -2.05 -15.28
N PRO B 368 -31.74 -1.22 -15.47
CA PRO B 368 -31.65 -0.33 -16.64
C PRO B 368 -31.29 -1.14 -17.87
N ALA B 369 -31.00 -0.47 -18.99
CA ALA B 369 -30.54 -1.16 -20.19
C ALA B 369 -29.17 -1.77 -19.94
N PRO B 370 -28.90 -2.95 -20.51
CA PRO B 370 -27.56 -3.54 -20.37
C PRO B 370 -26.50 -2.74 -21.09
N ILE B 371 -25.31 -2.69 -20.51
CA ILE B 371 -24.16 -2.15 -21.19
C ILE B 371 -23.18 -3.29 -21.48
N ALA B 372 -22.91 -3.57 -22.75
CA ALA B 372 -22.02 -4.70 -23.08
C ALA B 372 -20.57 -4.36 -22.74
N ILE B 373 -19.87 -5.32 -22.15
CA ILE B 373 -18.46 -5.17 -21.80
C ILE B 373 -17.77 -6.52 -21.94
N ASP B 374 -16.49 -6.53 -22.29
CA ASP B 374 -15.78 -7.81 -22.38
C ASP B 374 -15.52 -8.43 -21.02
N THR B 375 -15.23 -7.60 -20.01
CA THR B 375 -14.95 -8.13 -18.68
C THR B 375 -15.43 -7.07 -17.68
N PRO B 376 -15.76 -7.47 -16.43
CA PRO B 376 -16.28 -6.47 -15.49
C PRO B 376 -15.33 -5.28 -15.28
N GLN B 377 -15.93 -4.11 -15.21
CA GLN B 377 -15.24 -2.83 -15.05
C GLN B 377 -15.89 -2.12 -13.89
N PRO B 378 -15.13 -1.32 -13.13
CA PRO B 378 -15.71 -0.65 -11.97
C PRO B 378 -16.75 0.42 -12.33
N MET B 379 -17.60 0.79 -11.37
CA MET B 379 -18.82 1.50 -11.73
C MET B 379 -18.56 2.89 -12.30
N GLU B 380 -17.38 3.46 -12.04
CA GLU B 380 -17.09 4.81 -12.52
C GLU B 380 -16.88 4.79 -14.04
N HIS B 381 -16.62 3.62 -14.62
CA HIS B 381 -16.54 3.52 -16.08
C HIS B 381 -17.87 3.82 -16.76
N PHE B 382 -18.95 3.76 -16.00
CA PHE B 382 -20.28 3.99 -16.53
C PHE B 382 -20.91 5.25 -15.98
N GLY B 383 -20.11 6.07 -15.29
CA GLY B 383 -20.60 7.34 -14.78
C GLY B 383 -21.33 7.24 -13.46
N GLN B 384 -21.25 6.07 -12.81
CA GLN B 384 -21.91 5.86 -11.53
C GLN B 384 -20.98 6.21 -10.38
N ASP B 385 -21.55 6.84 -9.36
CA ASP B 385 -20.81 7.16 -8.14
C ASP B 385 -21.10 6.22 -6.95
N TYR B 386 -22.39 6.03 -6.62
CA TYR B 386 -22.76 5.30 -5.39
C TYR B 386 -23.78 4.20 -5.65
N GLY B 387 -23.85 3.23 -4.73
CA GLY B 387 -24.93 2.24 -4.79
C GLY B 387 -24.46 0.85 -5.16
N TYR B 388 -25.21 0.20 -6.06
CA TYR B 388 -24.93 -1.18 -6.45
C TYR B 388 -24.61 -1.27 -7.95
N ILE B 389 -23.98 -2.36 -8.36
CA ILE B 389 -23.81 -2.61 -9.79
C ILE B 389 -23.89 -4.11 -10.07
N LEU B 390 -24.67 -4.46 -11.10
CA LEU B 390 -24.86 -5.86 -11.52
C LEU B 390 -24.01 -6.20 -12.76
N TYR B 391 -23.26 -7.29 -12.66
CA TYR B 391 -22.57 -7.86 -13.81
C TYR B 391 -23.18 -9.23 -14.12
N ARG B 392 -23.59 -9.42 -15.37
CA ARG B 392 -24.36 -10.59 -15.80
C ARG B 392 -23.65 -11.28 -16.95
N THR B 393 -23.60 -12.61 -16.96
CA THR B 393 -23.02 -13.31 -18.11
C THR B 393 -23.71 -14.68 -18.30
N THR B 394 -23.65 -15.20 -19.53
CA THR B 394 -24.29 -16.51 -19.83
C THR B 394 -23.23 -17.60 -19.69
N VAL B 395 -23.57 -18.65 -18.93
CA VAL B 395 -22.65 -19.76 -18.64
C VAL B 395 -23.26 -21.11 -19.01
N THR B 396 -22.38 -22.08 -19.28
CA THR B 396 -22.77 -23.44 -19.64
C THR B 396 -22.51 -24.40 -18.50
N GLY B 397 -23.48 -25.27 -18.21
CA GLY B 397 -23.32 -26.31 -17.18
C GLY B 397 -23.30 -27.69 -17.81
N PRO B 398 -23.24 -28.76 -17.00
CA PRO B 398 -23.21 -28.76 -15.52
C PRO B 398 -21.78 -28.46 -15.03
N ARG B 399 -21.67 -27.57 -14.05
CA ARG B 399 -20.42 -27.32 -13.35
C ARG B 399 -20.63 -27.24 -11.83
N LYS B 400 -19.60 -27.59 -11.07
CA LYS B 400 -19.55 -27.30 -9.64
C LYS B 400 -18.14 -26.81 -9.43
N GLU B 401 -17.95 -25.50 -9.55
CA GLU B 401 -16.58 -24.99 -9.65
C GLU B 401 -16.41 -23.72 -8.83
N SER B 402 -15.16 -23.31 -8.70
CA SER B 402 -14.86 -22.09 -7.94
C SER B 402 -14.91 -20.83 -8.82
N LEU B 403 -15.74 -19.89 -8.43
CA LEU B 403 -15.84 -18.62 -9.13
C LEU B 403 -14.98 -17.59 -8.40
N TYR B 404 -13.88 -17.22 -9.04
CA TYR B 404 -12.92 -16.25 -8.50
C TYR B 404 -13.31 -14.85 -8.94
N LEU B 405 -13.51 -13.92 -7.98
CA LEU B 405 -13.82 -12.52 -8.27
C LEU B 405 -12.67 -11.56 -7.95
N GLY B 406 -11.67 -12.06 -7.24
CA GLY B 406 -10.56 -11.21 -6.87
C GLY B 406 -10.89 -10.27 -5.73
N GLU B 407 -10.29 -9.07 -5.75
CA GLU B 407 -10.56 -8.08 -4.72
C GLU B 407 -11.84 -7.34 -5.05
N VAL B 408 -12.92 -7.72 -4.38
CA VAL B 408 -14.25 -7.17 -4.61
C VAL B 408 -14.43 -5.85 -3.84
N ARG B 409 -14.97 -4.83 -4.51
CA ARG B 409 -15.20 -3.53 -3.85
C ARG B 409 -16.69 -3.19 -3.80
N ASP B 410 -17.43 -3.76 -2.84
CA ASP B 410 -16.88 -4.43 -1.66
C ASP B 410 -17.56 -5.73 -1.26
N VAL B 411 -18.78 -5.91 -1.71
CA VAL B 411 -19.54 -7.10 -1.35
C VAL B 411 -20.23 -7.60 -2.60
N ALA B 412 -20.06 -8.89 -2.91
CA ALA B 412 -20.76 -9.47 -4.06
C ALA B 412 -21.69 -10.59 -3.63
N ARG B 413 -22.94 -10.57 -4.15
CA ARG B 413 -23.88 -11.67 -3.99
C ARG B 413 -23.98 -12.33 -5.36
N VAL B 414 -23.79 -13.66 -5.41
CA VAL B 414 -23.70 -14.36 -6.69
C VAL B 414 -24.96 -15.22 -6.80
N TYR B 415 -25.51 -15.28 -8.03
CA TYR B 415 -26.73 -16.03 -8.36
C TYR B 415 -26.59 -16.82 -9.65
N VAL B 416 -27.28 -17.97 -9.75
CA VAL B 416 -27.42 -18.66 -11.03
C VAL B 416 -28.91 -18.78 -11.27
N ASP B 417 -29.39 -18.27 -12.42
CA ASP B 417 -30.84 -18.10 -12.67
C ASP B 417 -31.55 -17.52 -11.45
N GLN B 418 -30.88 -16.55 -10.83
CA GLN B 418 -31.42 -15.70 -9.77
C GLN B 418 -31.60 -16.43 -8.44
N LYS B 419 -31.10 -17.65 -8.36
CA LYS B 419 -31.02 -18.34 -7.06
C LYS B 419 -29.65 -18.07 -6.45
N PRO B 420 -29.61 -17.73 -5.16
CA PRO B 420 -28.31 -17.42 -4.54
C PRO B 420 -27.34 -18.61 -4.45
N VAL B 421 -26.06 -18.39 -4.77
CA VAL B 421 -25.04 -19.44 -4.72
C VAL B 421 -23.77 -18.97 -3.99
N GLY B 422 -23.89 -17.91 -3.21
CA GLY B 422 -22.79 -17.53 -2.31
C GLY B 422 -22.51 -16.04 -2.30
N SER B 423 -21.59 -15.63 -1.44
CA SER B 423 -21.26 -14.22 -1.35
C SER B 423 -19.77 -14.06 -1.10
N VAL B 424 -19.25 -12.90 -1.49
CA VAL B 424 -17.81 -12.65 -1.43
C VAL B 424 -17.58 -11.24 -0.89
N GLU B 425 -16.97 -11.12 0.29
CA GLU B 425 -16.69 -9.80 0.88
C GLU B 425 -15.19 -9.61 1.12
N ARG B 426 -14.62 -8.52 0.61
CA ARG B 426 -13.20 -8.29 0.94
C ARG B 426 -12.98 -8.01 2.44
N ARG B 427 -14.01 -7.58 3.17
CA ARG B 427 -13.89 -7.39 4.63
C ARG B 427 -13.52 -8.70 5.34
N LEU B 428 -13.92 -9.82 4.74
CA LEU B 428 -13.69 -11.16 5.29
C LEU B 428 -12.53 -11.87 4.59
N GLN B 429 -11.77 -11.14 3.77
CA GLN B 429 -10.69 -11.72 2.96
C GLN B 429 -11.17 -12.77 1.97
N GLN B 430 -12.44 -12.70 1.59
CA GLN B 430 -12.94 -13.66 0.58
C GLN B 430 -12.68 -13.16 -0.83
N VAL B 431 -12.35 -14.08 -1.74
CA VAL B 431 -12.08 -13.73 -3.14
C VAL B 431 -12.86 -14.65 -4.10
N ALA B 432 -13.51 -15.68 -3.56
CA ALA B 432 -14.18 -16.67 -4.42
C ALA B 432 -15.36 -17.33 -3.74
N THR B 433 -16.22 -17.94 -4.55
CA THR B 433 -17.25 -18.76 -3.96
C THR B 433 -17.57 -19.94 -4.87
N GLU B 434 -17.96 -21.08 -4.28
CA GLU B 434 -18.35 -22.21 -5.13
C GLU B 434 -19.67 -21.93 -5.83
N VAL B 435 -19.79 -22.31 -7.10
CA VAL B 435 -21.07 -22.15 -7.78
C VAL B 435 -21.45 -23.45 -8.47
N ASP B 436 -22.73 -23.81 -8.33
CA ASP B 436 -23.32 -24.94 -9.05
C ASP B 436 -24.12 -24.43 -10.27
N ILE B 437 -23.78 -24.93 -11.45
CA ILE B 437 -24.50 -24.58 -12.68
C ILE B 437 -25.15 -25.85 -13.21
N PRO B 438 -26.50 -25.88 -13.36
CA PRO B 438 -27.11 -27.08 -13.95
C PRO B 438 -26.79 -27.29 -15.44
N ALA B 439 -27.13 -28.46 -15.97
CA ALA B 439 -26.95 -28.70 -17.41
C ALA B 439 -27.65 -27.59 -18.25
N GLY B 440 -27.05 -27.26 -19.38
CA GLY B 440 -27.60 -26.26 -20.27
C GLY B 440 -27.04 -24.87 -20.10
N GLN B 441 -27.65 -23.97 -20.65
CA GLN B 441 -27.25 -22.58 -20.65
C GLN B 441 -27.86 -21.86 -19.51
N HIS B 442 -27.26 -21.03 -18.72
CA HIS B 442 -27.83 -20.34 -17.58
C HIS B 442 -27.30 -18.94 -17.40
N THR B 443 -27.93 -18.18 -16.54
CA THR B 443 -27.48 -16.83 -16.26
C THR B 443 -26.75 -16.70 -14.92
N LEU B 444 -25.48 -16.27 -14.98
CA LEU B 444 -24.68 -15.94 -13.80
C LEU B 444 -24.77 -14.46 -13.52
N ASP B 445 -25.34 -14.10 -12.35
CA ASP B 445 -25.48 -12.71 -11.90
C ASP B 445 -24.56 -12.46 -10.70
N VAL B 446 -23.80 -11.36 -10.75
CA VAL B 446 -22.85 -11.00 -9.69
C VAL B 446 -23.20 -9.58 -9.29
N LEU B 447 -23.91 -9.45 -8.17
CA LEU B 447 -24.42 -8.15 -7.74
C LEU B 447 -23.47 -7.56 -6.71
N VAL B 448 -22.96 -6.36 -6.96
CA VAL B 448 -21.91 -5.82 -6.06
C VAL B 448 -22.33 -4.51 -5.43
N GLU B 449 -22.16 -4.47 -4.10
CA GLU B 449 -22.40 -3.28 -3.32
C GLU B 449 -21.11 -2.47 -3.14
N ASN B 450 -21.15 -1.19 -3.50
CA ASN B 450 -20.13 -0.23 -3.03
C ASN B 450 -20.44 0.13 -1.58
N SER B 451 -19.65 -0.42 -0.63
CA SER B 451 -19.90 -0.25 0.79
C SER B 451 -19.32 1.06 1.33
N GLY B 452 -18.62 1.79 0.47
CA GLY B 452 -18.02 3.04 0.87
C GLY B 452 -16.54 3.06 0.53
N ARG B 453 -16.12 3.99 -0.32
CA ARG B 453 -14.71 4.08 -0.70
C ARG B 453 -13.84 4.46 0.51
N ILE B 454 -12.65 3.85 0.57
CA ILE B 454 -11.70 4.07 1.65
C ILE B 454 -11.37 5.55 1.73
N ASN B 455 -11.33 6.07 2.95
CA ASN B 455 -11.19 7.50 3.21
C ASN B 455 -9.87 7.94 3.85
N TYR B 456 -8.94 7.02 4.00
CA TYR B 456 -7.69 7.31 4.73
C TYR B 456 -6.64 6.26 4.44
N GLY B 457 -5.38 6.69 4.38
CA GLY B 457 -4.28 5.75 4.26
C GLY B 457 -3.80 5.45 2.86
N PRO B 458 -2.83 4.53 2.74
CA PRO B 458 -2.12 4.28 1.47
C PRO B 458 -2.98 3.63 0.39
N ARG B 459 -4.09 2.99 0.76
CA ARG B 459 -4.95 2.37 -0.26
C ARG B 459 -6.07 3.28 -0.74
N MET B 460 -6.11 4.51 -0.27
CA MET B 460 -7.28 5.34 -0.58
C MET B 460 -7.26 5.83 -2.02
N ALA B 461 -6.08 5.84 -2.65
CA ALA B 461 -5.97 6.35 -4.02
C ALA B 461 -6.65 5.45 -5.05
N ASP B 462 -6.76 4.16 -4.76
CA ASP B 462 -7.51 3.22 -5.60
C ASP B 462 -8.98 3.21 -5.20
N GLY B 463 -9.71 4.24 -5.61
CA GLY B 463 -11.11 4.38 -5.25
C GLY B 463 -12.08 3.67 -6.19
N ARG B 464 -11.61 2.74 -7.02
CA ARG B 464 -12.54 2.02 -7.94
C ARG B 464 -13.49 1.08 -7.20
N ALA B 465 -14.80 1.23 -7.43
CA ALA B 465 -15.79 0.41 -6.75
C ALA B 465 -16.49 -0.52 -7.74
N GLY B 466 -16.97 -1.66 -7.24
CA GLY B 466 -17.54 -2.69 -8.09
C GLY B 466 -16.50 -3.81 -8.28
N LEU B 467 -16.35 -4.31 -9.51
CA LEU B 467 -15.37 -5.34 -9.82
C LEU B 467 -14.26 -4.73 -10.67
N VAL B 468 -13.01 -5.15 -10.46
CA VAL B 468 -11.88 -4.66 -11.28
C VAL B 468 -11.04 -5.79 -11.85
N ASP B 469 -11.00 -6.94 -11.18
CA ASP B 469 -10.12 -8.05 -11.56
C ASP B 469 -10.72 -9.01 -12.61
N PRO B 470 -9.86 -9.80 -13.29
CA PRO B 470 -10.40 -10.92 -14.10
C PRO B 470 -11.29 -11.85 -13.29
N VAL B 471 -12.34 -12.35 -13.92
CA VAL B 471 -13.23 -13.32 -13.28
C VAL B 471 -13.00 -14.70 -13.90
N LEU B 472 -12.86 -15.72 -13.04
CA LEU B 472 -12.54 -17.09 -13.48
C LEU B 472 -13.46 -18.12 -12.84
N LEU B 473 -13.80 -19.14 -13.62
CA LEU B 473 -14.48 -20.34 -13.11
C LEU B 473 -13.45 -21.48 -13.19
N ASP B 474 -12.97 -21.92 -12.01
CA ASP B 474 -11.73 -22.70 -11.90
C ASP B 474 -10.63 -21.99 -12.69
N ASN B 475 -10.07 -22.61 -13.73
CA ASN B 475 -8.99 -21.92 -14.49
C ASN B 475 -9.44 -21.20 -15.75
N GLN B 476 -10.75 -21.16 -16.00
CA GLN B 476 -11.25 -20.56 -17.24
C GLN B 476 -11.75 -19.13 -17.02
N GLN B 477 -11.13 -18.16 -17.68
CA GLN B 477 -11.62 -16.78 -17.56
C GLN B 477 -13.01 -16.62 -18.22
N LEU B 478 -13.91 -15.92 -17.53
CA LEU B 478 -15.24 -15.60 -18.03
C LEU B 478 -15.22 -14.22 -18.67
N THR B 479 -15.51 -14.15 -19.96
CA THR B 479 -15.60 -12.91 -20.67
C THR B 479 -16.96 -12.80 -21.28
N ASN B 480 -17.28 -11.66 -21.86
CA ASN B 480 -18.57 -11.43 -22.47
C ASN B 480 -19.70 -11.22 -21.44
N TRP B 481 -19.78 -10.02 -20.87
CA TRP B 481 -20.73 -9.67 -19.84
C TRP B 481 -21.66 -8.49 -20.16
N GLN B 482 -22.69 -8.32 -19.35
CA GLN B 482 -23.50 -7.10 -19.32
C GLN B 482 -23.35 -6.40 -17.97
N ALA B 483 -23.22 -5.08 -18.00
CA ALA B 483 -23.18 -4.30 -16.76
C ALA B 483 -24.46 -3.51 -16.63
N PHE B 484 -25.00 -3.48 -15.40
CA PHE B 484 -26.19 -2.71 -15.04
C PHE B 484 -25.90 -1.80 -13.85
N PRO B 485 -25.65 -0.50 -14.11
CA PRO B 485 -25.48 0.40 -12.96
C PRO B 485 -26.76 0.54 -12.15
N LEU B 486 -26.65 0.41 -10.82
CA LEU B 486 -27.82 0.55 -9.97
C LEU B 486 -27.57 1.55 -8.87
N PRO B 487 -27.56 2.85 -9.21
CA PRO B 487 -27.38 3.92 -8.22
C PRO B 487 -28.58 4.12 -7.31
N MET B 488 -29.71 3.53 -7.65
CA MET B 488 -30.94 3.59 -6.83
C MET B 488 -31.29 5.02 -6.42
N ARG B 489 -31.46 5.89 -7.41
CA ARG B 489 -31.84 7.28 -7.18
C ARG B 489 -33.36 7.53 -7.27
N SER B 490 -34.12 6.57 -7.79
CA SER B 490 -35.54 6.84 -8.04
C SER B 490 -36.51 5.80 -7.47
N PRO B 491 -36.63 5.74 -6.13
CA PRO B 491 -37.54 4.78 -5.50
C PRO B 491 -39.01 4.92 -5.96
N ASP B 492 -39.38 6.12 -6.40
CA ASP B 492 -40.73 6.35 -6.92
C ASP B 492 -41.06 5.52 -8.17
N SER B 493 -40.02 5.10 -8.88
CA SER B 493 -40.20 4.47 -10.18
C SER B 493 -39.92 2.97 -10.15
N ILE B 494 -39.88 2.40 -8.96
CA ILE B 494 -39.71 0.96 -8.82
C ILE B 494 -40.86 0.21 -9.50
N ARG B 495 -40.50 -0.81 -10.29
CA ARG B 495 -41.47 -1.57 -11.06
C ARG B 495 -41.66 -2.96 -10.48
N GLY B 496 -42.81 -3.56 -10.76
CA GLY B 496 -43.06 -4.95 -10.42
C GLY B 496 -43.56 -5.19 -9.01
N TRP B 497 -44.23 -4.20 -8.42
CA TRP B 497 -44.83 -4.35 -7.09
C TRP B 497 -45.85 -5.48 -7.06
N THR B 498 -45.74 -6.35 -6.05
CA THR B 498 -46.73 -7.41 -5.87
C THR B 498 -46.91 -7.69 -4.40
N ARG B 499 -48.05 -8.26 -4.04
CA ARG B 499 -48.28 -8.69 -2.67
C ARG B 499 -47.87 -10.16 -2.52
N ASN B 500 -47.55 -10.79 -3.65
CA ASN B 500 -47.01 -12.15 -3.63
C ASN B 500 -45.61 -12.18 -3.00
N THR B 501 -45.24 -13.33 -2.44
CA THR B 501 -43.91 -13.50 -1.86
C THR B 501 -42.85 -13.31 -2.94
N VAL B 502 -41.77 -12.61 -2.57
CA VAL B 502 -40.68 -12.32 -3.48
C VAL B 502 -39.35 -12.57 -2.75
N GLU B 503 -38.48 -13.37 -3.35
CA GLU B 503 -37.18 -13.67 -2.77
C GLU B 503 -36.22 -12.48 -2.91
N GLY B 504 -35.25 -12.40 -1.99
CA GLY B 504 -34.21 -11.39 -2.06
C GLY B 504 -33.44 -11.60 -3.35
N PRO B 505 -32.88 -10.53 -3.93
CA PRO B 505 -32.88 -9.14 -3.44
C PRO B 505 -34.11 -8.38 -3.91
N ALA B 506 -34.71 -7.64 -2.99
CA ALA B 506 -36.03 -7.08 -3.26
C ALA B 506 -36.31 -5.83 -2.43
N PHE B 507 -37.20 -4.98 -2.95
CA PHE B 507 -37.69 -3.81 -2.25
C PHE B 507 -38.98 -4.15 -1.52
N HIS B 508 -39.20 -3.51 -0.39
CA HIS B 508 -40.41 -3.69 0.38
C HIS B 508 -40.97 -2.32 0.69
N ARG B 509 -42.28 -2.16 0.54
CA ARG B 509 -42.94 -0.87 0.64
C ARG B 509 -44.22 -0.94 1.47
N GLY B 510 -44.47 0.12 2.21
CA GLY B 510 -45.71 0.25 2.96
C GLY B 510 -45.81 1.67 3.44
N ASN B 511 -46.85 1.96 4.21
CA ASN B 511 -47.05 3.33 4.68
C ASN B 511 -46.86 3.49 6.18
N LEU B 512 -46.36 4.67 6.54
CA LEU B 512 -46.10 5.05 7.92
C LEU B 512 -46.88 6.32 8.20
N ARG B 513 -48.01 6.22 8.91
CA ARG B 513 -48.82 7.41 9.16
C ARG B 513 -48.27 8.23 10.32
N ILE B 514 -48.01 9.49 10.06
CA ILE B 514 -47.46 10.37 11.06
C ILE B 514 -48.34 11.58 11.32
N GLY B 515 -48.85 11.74 12.54
CA GLY B 515 -49.69 12.89 12.79
C GLY B 515 -48.94 14.19 12.88
N THR B 516 -48.03 14.31 13.81
CA THR B 516 -47.24 15.53 13.90
C THR B 516 -45.77 15.07 13.71
N PRO B 517 -45.09 15.67 12.75
CA PRO B 517 -43.70 15.26 12.52
C PRO B 517 -42.81 15.48 13.76
N ALA B 518 -42.11 14.43 14.16
CA ALA B 518 -41.21 14.46 15.30
C ALA B 518 -40.10 13.46 15.05
N ASP B 519 -38.90 13.80 15.47
CA ASP B 519 -37.74 12.93 15.28
C ASP B 519 -38.03 11.52 15.79
N THR B 520 -37.56 10.52 15.04
CA THR B 520 -37.75 9.13 15.42
C THR B 520 -36.69 8.26 14.80
N TYR B 521 -36.51 7.05 15.33
CA TYR B 521 -35.62 6.07 14.71
C TYR B 521 -36.42 4.94 14.10
N LEU B 522 -36.24 4.70 12.82
CA LEU B 522 -36.86 3.61 12.16
C LEU B 522 -36.15 2.31 12.45
N ASP B 523 -36.83 1.40 13.11
CA ASP B 523 -36.29 0.13 13.55
C ASP B 523 -36.10 -0.78 12.34
N MET B 524 -34.90 -1.32 12.18
CA MET B 524 -34.55 -2.12 11.01
C MET B 524 -34.39 -3.60 11.28
N ARG B 525 -34.83 -4.04 12.44
CA ARG B 525 -34.56 -5.35 12.91
C ARG B 525 -35.30 -6.45 12.19
N ALA B 526 -36.26 -6.11 11.35
CA ALA B 526 -36.89 -7.10 10.52
C ALA B 526 -36.07 -7.49 9.28
N PHE B 527 -35.07 -6.69 8.97
CA PHE B 527 -34.33 -6.84 7.72
C PHE B 527 -32.94 -7.42 7.83
N GLY B 528 -32.40 -7.80 6.69
CA GLY B 528 -31.11 -8.46 6.59
C GLY B 528 -30.00 -7.48 6.28
N LYS B 529 -30.02 -6.89 5.08
CA LYS B 529 -29.01 -5.89 4.72
C LYS B 529 -29.41 -5.07 3.49
N GLY B 530 -29.25 -3.76 3.58
CA GLY B 530 -29.54 -2.91 2.44
C GLY B 530 -29.57 -1.44 2.75
N ILE B 531 -30.55 -0.75 2.18
CA ILE B 531 -30.80 0.67 2.45
C ILE B 531 -32.29 0.91 2.68
N ALA B 532 -32.66 2.07 3.16
CA ALA B 532 -34.07 2.41 3.32
C ALA B 532 -34.38 3.86 2.97
N TRP B 533 -35.51 4.09 2.28
CA TRP B 533 -36.05 5.42 2.03
C TRP B 533 -37.27 5.68 2.89
N ALA B 534 -37.41 6.90 3.37
CA ALA B 534 -38.63 7.30 4.05
C ALA B 534 -39.03 8.68 3.57
N ASN B 535 -40.25 8.77 3.01
CA ASN B 535 -40.74 10.00 2.41
C ASN B 535 -39.78 10.50 1.32
N GLY B 536 -39.20 9.57 0.58
CA GLY B 536 -38.32 9.90 -0.54
C GLY B 536 -36.84 10.02 -0.22
N VAL B 537 -36.49 10.09 1.06
CA VAL B 537 -35.10 10.35 1.43
C VAL B 537 -34.37 9.08 1.77
N ASN B 538 -33.21 8.88 1.13
CA ASN B 538 -32.34 7.77 1.44
C ASN B 538 -31.69 7.98 2.82
N LEU B 539 -32.20 7.29 3.84
CA LEU B 539 -31.72 7.47 5.22
C LEU B 539 -30.37 6.80 5.48
N GLY B 540 -29.99 5.85 4.64
CA GLY B 540 -28.72 5.18 4.82
C GLY B 540 -28.82 3.66 4.85
N ARG B 541 -27.84 3.03 5.49
CA ARG B 541 -27.69 1.58 5.41
C ARG B 541 -28.19 0.88 6.66
N HIS B 542 -28.61 -0.36 6.49
CA HIS B 542 -28.95 -1.21 7.58
C HIS B 542 -28.28 -2.58 7.35
N TRP B 543 -27.97 -3.28 8.43
CA TRP B 543 -27.25 -4.54 8.34
C TRP B 543 -27.42 -5.29 9.66
N ASN B 544 -27.87 -6.53 9.61
CA ASN B 544 -28.21 -7.21 10.86
C ASN B 544 -26.99 -7.63 11.69
N ILE B 545 -25.78 -7.42 11.18
CA ILE B 545 -24.63 -7.74 12.03
C ILE B 545 -24.42 -6.65 13.07
N GLY B 546 -25.01 -5.47 12.87
CA GLY B 546 -24.88 -4.39 13.82
C GLY B 546 -23.53 -3.71 13.76
N PRO B 547 -23.24 -2.80 14.72
CA PRO B 547 -24.00 -2.51 15.95
C PRO B 547 -25.23 -1.64 15.78
N GLN B 548 -25.25 -0.77 14.78
CA GLN B 548 -26.43 0.05 14.51
C GLN B 548 -27.57 -0.81 13.93
N ARG B 549 -28.76 -0.68 14.48
CA ARG B 549 -29.89 -1.45 13.99
C ARG B 549 -31.15 -0.58 13.74
N ALA B 550 -30.97 0.73 13.68
CA ALA B 550 -32.05 1.63 13.31
C ALA B 550 -31.50 2.80 12.49
N LEU B 551 -32.39 3.59 11.90
CA LEU B 551 -31.99 4.68 11.08
C LEU B 551 -32.66 5.94 11.53
N TYR B 552 -31.87 6.97 11.78
CA TYR B 552 -32.37 8.29 12.18
C TYR B 552 -33.25 8.87 11.07
N PHE B 553 -34.44 9.32 11.45
CA PHE B 553 -35.42 9.86 10.53
C PHE B 553 -35.93 11.18 11.09
N PRO B 554 -35.15 12.28 10.92
CA PRO B 554 -35.48 13.56 11.55
C PRO B 554 -36.80 14.16 11.08
N ALA B 555 -37.41 14.97 11.93
CA ALA B 555 -38.68 15.64 11.64
C ALA B 555 -38.75 16.35 10.28
N PRO B 556 -37.71 17.12 9.89
CA PRO B 556 -37.87 17.86 8.63
C PRO B 556 -37.90 16.97 7.39
N PHE B 557 -37.55 15.69 7.54
CA PHE B 557 -37.58 14.75 6.44
C PHE B 557 -38.98 14.16 6.28
N GLN B 558 -39.83 14.41 7.29
CA GLN B 558 -41.15 13.82 7.35
C GLN B 558 -42.21 14.71 6.76
N ARG B 559 -43.42 14.17 6.67
CA ARG B 559 -44.59 14.96 6.29
C ARG B 559 -45.73 14.55 7.21
N LYS B 560 -46.68 15.46 7.43
CA LYS B 560 -47.87 15.09 8.19
C LYS B 560 -48.69 14.15 7.32
N GLY B 561 -49.22 13.08 7.91
CA GLY B 561 -50.03 12.12 7.17
C GLY B 561 -49.24 10.92 6.67
N ASP B 562 -49.52 10.48 5.45
CA ASP B 562 -48.89 9.29 4.89
C ASP B 562 -47.44 9.50 4.46
N ASN B 563 -46.53 8.72 5.03
CA ASN B 563 -45.13 8.71 4.61
C ASN B 563 -44.75 7.37 4.02
N THR B 564 -44.39 7.36 2.74
CA THR B 564 -44.05 6.12 2.06
C THR B 564 -42.66 5.64 2.48
N VAL B 565 -42.59 4.43 3.04
CA VAL B 565 -41.32 3.80 3.42
C VAL B 565 -40.95 2.66 2.48
N VAL B 566 -39.75 2.70 1.92
CA VAL B 566 -39.25 1.64 1.06
C VAL B 566 -37.92 1.11 1.61
N VAL B 567 -37.88 -0.19 1.88
CA VAL B 567 -36.68 -0.84 2.36
C VAL B 567 -36.12 -1.82 1.31
N PHE B 568 -34.86 -1.65 0.96
CA PHE B 568 -34.18 -2.61 0.10
C PHE B 568 -33.50 -3.64 0.97
N ASP B 569 -33.72 -4.92 0.69
CA ASP B 569 -33.09 -5.98 1.46
C ASP B 569 -32.51 -7.02 0.50
N LEU B 570 -31.20 -7.21 0.53
CA LEU B 570 -30.52 -8.24 -0.27
C LEU B 570 -31.07 -9.64 0.07
N ASP B 571 -31.45 -9.82 1.33
CA ASP B 571 -31.95 -11.11 1.82
C ASP B 571 -33.47 -11.20 1.74
N SER B 572 -34.00 -12.39 1.51
CA SER B 572 -35.44 -12.57 1.58
C SER B 572 -35.90 -12.18 3.00
N THR B 573 -36.98 -11.41 3.07
CA THR B 573 -37.49 -10.87 4.33
C THR B 573 -38.76 -11.61 4.73
N ALA B 574 -38.76 -12.23 5.92
CA ALA B 574 -39.90 -13.04 6.34
C ALA B 574 -41.09 -12.18 6.77
N LYS B 575 -40.84 -11.14 7.55
CA LYS B 575 -41.92 -10.27 8.03
C LYS B 575 -41.53 -8.79 7.95
N PRO B 576 -41.55 -8.22 6.74
CA PRO B 576 -41.12 -6.83 6.56
C PRO B 576 -42.03 -5.85 7.27
N SER B 577 -41.43 -5.03 8.12
CA SER B 577 -42.13 -3.96 8.82
C SER B 577 -41.12 -2.99 9.44
N VAL B 578 -41.57 -1.78 9.77
CA VAL B 578 -40.77 -0.87 10.58
C VAL B 578 -41.64 -0.27 11.68
N ARG B 579 -40.99 0.32 12.67
CA ARG B 579 -41.70 1.12 13.66
C ARG B 579 -40.76 2.24 14.09
N GLY B 580 -41.30 3.24 14.78
CA GLY B 580 -40.51 4.36 15.22
C GLY B 580 -40.13 4.26 16.68
N LEU B 581 -38.86 4.55 16.98
CA LEU B 581 -38.33 4.44 18.33
C LEU B 581 -37.70 5.78 18.72
N GLN B 582 -37.63 6.05 20.02
CA GLN B 582 -37.16 7.36 20.47
C GLN B 582 -35.65 7.42 20.57
N GLN B 583 -34.99 6.31 20.32
CA GLN B 583 -33.54 6.32 20.30
C GLN B 583 -32.96 5.18 19.49
N GLN B 584 -31.69 5.34 19.15
CA GLN B 584 -30.96 4.39 18.34
C GLN B 584 -30.99 3.01 18.98
N VAL B 585 -30.90 1.97 18.15
CA VAL B 585 -30.75 0.61 18.62
C VAL B 585 -29.29 0.17 18.40
N TRP B 586 -28.60 -0.13 19.50
CA TRP B 586 -27.25 -0.70 19.45
C TRP B 586 -27.31 -2.16 19.87
N ILE B 587 -26.72 -3.05 19.08
CA ILE B 587 -26.56 -4.42 19.52
C ILE B 587 -25.06 -4.73 19.57
N THR B 588 -24.72 -5.87 20.17
CA THR B 588 -23.34 -6.32 20.21
C THR B 588 -23.13 -7.37 19.14
N PRO B 589 -22.25 -7.07 18.14
CA PRO B 589 -22.05 -8.00 17.03
C PRO B 589 -21.51 -9.35 17.46
N LYS B 590 -21.93 -10.40 16.76
CA LYS B 590 -21.56 -11.78 17.04
C LYS B 590 -20.08 -12.07 16.75
#